data_6CZD
#
_entry.id   6CZD
#
_cell.length_a   54.770
_cell.length_b   105.750
_cell.length_c   155.200
_cell.angle_alpha   90.000
_cell.angle_beta   90.000
_cell.angle_gamma   90.000
#
_symmetry.space_group_name_H-M   'P 21 21 21'
#
loop_
_entity.id
_entity.type
_entity.pdbx_description
1 polymer 'ATP-dependent dethiobiotin synthetase BioD'
2 non-polymer 'MAGNESIUM ION'
3 non-polymer "ADENOSINE-5'-DIPHOSPHATE"
4 water water
#
_entity_poly.entity_id   1
_entity_poly.type   'polypeptide(L)'
_entity_poly.pdbx_seq_one_letter_code
;MGHHHHHHGGTILVVTGTGTGVGKTVVCAALASAARQAGIDVAVCKPVQTGTARGDDDLAEVGRLAGVTQLAGLARYPQP
MAPAAAAEHAGMALPARDQIVRLIADLDRPGRLTLVEGAGGLLVELAEPGVTLRDVAVDVAAAALVVVTADLGTLNHTKL
TLEALAAQQVSCAGLVIGSWPDPPGLVAASNRSALARIAMVRAALPAGAASLDAGDFAAMSAAAFDRNWVAGLVG
;
_entity_poly.pdbx_strand_id   A,B,C,D
#
# COMPACT_ATOMS: atom_id res chain seq x y z
N GLY A 9 4.49 -22.96 1.94
CA GLY A 9 3.06 -22.85 2.22
C GLY A 9 2.20 -22.55 1.01
N GLY A 10 0.90 -22.36 1.21
CA GLY A 10 0.02 -21.93 0.13
C GLY A 10 -0.43 -20.48 0.22
N THR A 11 -1.67 -20.22 -0.19
CA THR A 11 -2.26 -18.89 -0.10
C THR A 11 -3.36 -18.90 0.94
N ILE A 12 -3.24 -18.00 1.92
CA ILE A 12 -4.25 -17.79 2.95
C ILE A 12 -4.85 -16.40 2.72
N LEU A 13 -6.17 -16.35 2.54
CA LEU A 13 -6.94 -15.12 2.52
C LEU A 13 -7.86 -15.08 3.74
N VAL A 14 -7.81 -13.98 4.51
CA VAL A 14 -8.93 -13.72 5.41
C VAL A 14 -10.01 -13.01 4.63
N VAL A 15 -11.25 -13.44 4.84
CA VAL A 15 -12.41 -12.82 4.23
C VAL A 15 -13.13 -12.06 5.36
N THR A 16 -12.94 -10.75 5.38
CA THR A 16 -13.55 -9.89 6.38
C THR A 16 -14.68 -9.07 5.73
N GLY A 17 -15.23 -8.13 6.50
CA GLY A 17 -16.32 -7.31 6.02
C GLY A 17 -16.36 -5.99 6.74
N THR A 18 -17.20 -5.10 6.21
CA THR A 18 -17.51 -3.84 6.86
C THR A 18 -18.46 -4.02 8.01
N GLY A 19 -18.88 -5.24 8.29
CA GLY A 19 -19.83 -5.49 9.34
C GLY A 19 -20.39 -6.89 9.24
N THR A 20 -21.43 -7.11 10.03
CA THR A 20 -22.14 -8.39 10.08
C THR A 20 -23.18 -8.47 8.96
N GLY A 21 -23.34 -9.66 8.40
CA GLY A 21 -24.39 -9.90 7.42
C GLY A 21 -24.20 -9.19 6.09
N VAL A 22 -22.95 -8.94 5.69
CA VAL A 22 -22.68 -8.38 4.36
C VAL A 22 -22.47 -9.45 3.30
N GLY A 23 -22.37 -10.72 3.69
CA GLY A 23 -22.21 -11.82 2.76
C GLY A 23 -20.83 -12.50 2.73
N LYS A 24 -20.00 -12.35 3.77
CA LYS A 24 -18.68 -12.96 3.77
C LYS A 24 -18.76 -14.44 3.45
N THR A 25 -19.78 -15.11 4.00
CA THR A 25 -19.93 -16.56 3.82
C THR A 25 -20.22 -16.90 2.35
N VAL A 26 -21.15 -16.16 1.73
CA VAL A 26 -21.46 -16.47 0.33
C VAL A 26 -20.27 -16.15 -0.57
N VAL A 27 -19.49 -15.13 -0.22
CA VAL A 27 -18.28 -14.82 -0.98
C VAL A 27 -17.24 -15.93 -0.84
N CYS A 28 -17.06 -16.44 0.38
CA CYS A 28 -16.20 -17.62 0.56
C CYS A 28 -16.67 -18.76 -0.34
N ALA A 29 -17.97 -19.03 -0.32
CA ALA A 29 -18.50 -20.14 -1.10
C ALA A 29 -18.32 -19.87 -2.58
N ALA A 30 -18.46 -18.61 -2.99
CA ALA A 30 -18.32 -18.26 -4.40
C ALA A 30 -16.86 -18.31 -4.84
N LEU A 31 -15.95 -17.71 -4.06
CA LEU A 31 -14.52 -17.80 -4.40
C LEU A 31 -14.03 -19.24 -4.32
N ALA A 32 -14.52 -20.01 -3.34
CA ALA A 32 -14.21 -21.43 -3.29
C ALA A 32 -14.65 -22.13 -4.57
N SER A 33 -15.90 -21.91 -4.98
CA SER A 33 -16.39 -22.55 -6.20
C SER A 33 -15.54 -22.15 -7.40
N ALA A 34 -15.27 -20.86 -7.57
CA ALA A 34 -14.50 -20.42 -8.73
C ALA A 34 -13.10 -21.01 -8.70
N ALA A 35 -12.45 -21.02 -7.53
CA ALA A 35 -11.12 -21.61 -7.39
C ALA A 35 -11.14 -23.11 -7.69
N ARG A 36 -12.13 -23.82 -7.15
CA ARG A 36 -12.25 -25.24 -7.46
C ARG A 36 -12.38 -25.46 -8.97
N GLN A 37 -13.22 -24.65 -9.64
CA GLN A 37 -13.39 -24.75 -11.07
C GLN A 37 -12.14 -24.36 -11.85
N ALA A 38 -11.16 -23.71 -11.21
CA ALA A 38 -9.87 -23.52 -11.83
C ALA A 38 -8.88 -24.62 -11.45
N GLY A 39 -9.36 -25.66 -10.75
CA GLY A 39 -8.51 -26.78 -10.37
C GLY A 39 -7.68 -26.55 -9.12
N ILE A 40 -7.97 -25.49 -8.37
CA ILE A 40 -7.22 -25.12 -7.18
C ILE A 40 -7.86 -25.82 -5.99
N ASP A 41 -7.02 -26.45 -5.17
CA ASP A 41 -7.51 -27.10 -3.96
C ASP A 41 -7.88 -26.06 -2.92
N VAL A 42 -9.09 -26.16 -2.37
CA VAL A 42 -9.63 -25.12 -1.50
C VAL A 42 -9.91 -25.71 -0.13
N ALA A 43 -9.52 -24.97 0.90
CA ALA A 43 -9.97 -25.22 2.25
C ALA A 43 -10.64 -23.96 2.75
N VAL A 44 -11.73 -24.12 3.50
CA VAL A 44 -12.40 -22.99 4.13
C VAL A 44 -12.46 -23.25 5.63
N CYS A 45 -12.36 -22.16 6.38
CA CYS A 45 -12.01 -22.18 7.79
C CYS A 45 -12.80 -21.08 8.52
N LYS A 46 -13.49 -21.46 9.60
CA LYS A 46 -14.33 -20.55 10.38
C LYS A 46 -14.01 -20.73 11.85
N PRO A 47 -13.01 -20.01 12.38
CA PRO A 47 -12.58 -20.24 13.77
C PRO A 47 -13.65 -20.01 14.84
N VAL A 48 -14.54 -19.03 14.67
CA VAL A 48 -15.53 -18.71 15.69
C VAL A 48 -16.91 -18.61 15.06
N GLN A 49 -17.83 -19.43 15.55
CA GLN A 49 -19.19 -19.55 15.02
C GLN A 49 -20.19 -19.39 16.16
N THR A 50 -21.09 -18.43 16.04
CA THR A 50 -22.14 -18.13 17.00
C THR A 50 -23.50 -18.55 16.45
N GLY A 51 -24.50 -18.51 17.32
CA GLY A 51 -25.86 -18.76 16.88
C GLY A 51 -26.16 -20.18 16.51
N THR A 52 -25.49 -21.16 17.14
CA THR A 52 -25.83 -22.54 16.85
C THR A 52 -27.22 -22.91 17.37
N ALA A 53 -27.71 -22.20 18.40
CA ALA A 53 -29.07 -22.45 18.87
C ALA A 53 -30.12 -21.98 17.86
N ARG A 54 -29.72 -21.20 16.87
CA ARG A 54 -30.57 -20.81 15.74
C ARG A 54 -30.29 -21.62 14.48
N GLY A 55 -29.33 -22.54 14.52
CA GLY A 55 -28.94 -23.30 13.35
C GLY A 55 -27.92 -22.64 12.45
N ASP A 56 -27.34 -21.50 12.85
CA ASP A 56 -26.31 -20.87 12.03
C ASP A 56 -25.10 -21.79 11.92
N ASP A 57 -24.66 -22.03 10.69
CA ASP A 57 -23.41 -22.77 10.50
C ASP A 57 -22.85 -22.36 9.14
N ASP A 58 -21.88 -21.44 9.16
CA ASP A 58 -21.29 -20.87 7.94
C ASP A 58 -20.47 -21.90 7.16
N LEU A 59 -19.72 -22.76 7.86
CA LEU A 59 -19.00 -23.82 7.17
C LEU A 59 -19.97 -24.72 6.41
N ALA A 60 -21.16 -24.94 6.96
CA ALA A 60 -22.10 -25.85 6.31
C ALA A 60 -22.73 -25.20 5.09
N GLU A 61 -23.05 -23.90 5.17
CA GLU A 61 -23.51 -23.20 3.97
C GLU A 61 -22.44 -23.23 2.89
N VAL A 62 -21.17 -23.02 3.24
CA VAL A 62 -20.13 -23.07 2.22
C VAL A 62 -20.04 -24.47 1.62
N GLY A 63 -20.11 -25.50 2.46
CA GLY A 63 -20.11 -26.86 1.95
C GLY A 63 -21.31 -27.12 1.06
N ARG A 64 -22.49 -26.68 1.48
CA ARG A 64 -23.69 -26.89 0.68
C ARG A 64 -23.61 -26.15 -0.66
N LEU A 65 -23.22 -24.87 -0.61
CA LEU A 65 -23.29 -24.06 -1.82
C LEU A 65 -22.18 -24.38 -2.81
N ALA A 66 -20.99 -24.74 -2.33
CA ALA A 66 -19.82 -24.84 -3.19
C ALA A 66 -19.21 -26.23 -3.29
N GLY A 67 -19.69 -27.18 -2.50
CA GLY A 67 -19.14 -28.53 -2.47
C GLY A 67 -17.82 -28.67 -1.75
N VAL A 68 -17.35 -27.63 -1.05
CA VAL A 68 -16.11 -27.76 -0.28
C VAL A 68 -16.31 -28.80 0.81
N THR A 69 -15.33 -29.69 0.96
CA THR A 69 -15.30 -30.71 2.01
C THR A 69 -14.26 -30.44 3.09
N GLN A 70 -13.26 -29.62 2.79
CA GLN A 70 -12.20 -29.29 3.74
C GLN A 70 -12.65 -28.06 4.52
N LEU A 71 -13.40 -28.32 5.61
CA LEU A 71 -14.10 -27.29 6.40
C LEU A 71 -13.69 -27.46 7.86
N ALA A 72 -13.16 -26.38 8.48
CA ALA A 72 -12.52 -26.46 9.79
C ALA A 72 -13.14 -25.44 10.75
N GLY A 73 -13.85 -25.93 11.76
CA GLY A 73 -14.35 -25.10 12.84
C GLY A 73 -13.47 -25.20 14.08
N LEU A 74 -13.84 -24.43 15.09
CA LEU A 74 -13.07 -24.52 16.32
C LEU A 74 -13.94 -24.16 17.52
N ALA A 75 -14.41 -22.93 17.58
CA ALA A 75 -15.23 -22.47 18.69
C ALA A 75 -16.67 -22.32 18.21
N ARG A 76 -17.63 -22.87 18.98
CA ARG A 76 -19.05 -22.80 18.64
C ARG A 76 -19.83 -22.37 19.88
N TYR A 77 -20.80 -21.46 19.69
CA TYR A 77 -21.57 -20.91 20.78
C TYR A 77 -23.05 -20.95 20.42
N PRO A 78 -23.91 -21.20 21.42
CA PRO A 78 -25.35 -21.22 21.12
C PRO A 78 -25.92 -19.87 20.66
N GLN A 79 -25.59 -18.78 21.35
CA GLN A 79 -26.34 -17.54 21.17
C GLN A 79 -25.86 -16.78 19.93
N PRO A 80 -26.77 -16.11 19.22
CA PRO A 80 -26.36 -15.30 18.06
C PRO A 80 -25.98 -13.88 18.50
N MET A 81 -24.73 -13.74 18.94
CA MET A 81 -24.19 -12.51 19.50
C MET A 81 -22.79 -12.33 18.98
N ALA A 82 -22.19 -11.19 19.30
CA ALA A 82 -20.76 -11.06 19.10
C ALA A 82 -20.06 -12.21 19.82
N PRO A 83 -19.01 -12.79 19.24
CA PRO A 83 -18.34 -13.91 19.90
C PRO A 83 -18.05 -13.69 21.39
N ALA A 84 -17.49 -12.52 21.77
CA ALA A 84 -17.24 -12.26 23.18
C ALA A 84 -18.51 -12.46 24.00
N ALA A 85 -19.61 -11.85 23.56
CA ALA A 85 -20.86 -11.96 24.31
C ALA A 85 -21.43 -13.39 24.26
N ALA A 86 -21.37 -14.03 23.10
CA ALA A 86 -21.89 -15.40 22.97
C ALA A 86 -21.14 -16.38 23.87
N ALA A 87 -19.82 -16.24 23.91
CA ALA A 87 -19.03 -17.11 24.77
C ALA A 87 -19.27 -16.79 26.23
N GLU A 88 -19.40 -15.49 26.56
CA GLU A 88 -19.82 -15.12 27.91
C GLU A 88 -21.14 -15.79 28.28
N HIS A 89 -22.17 -15.64 27.43
CA HIS A 89 -23.49 -16.22 27.70
C HIS A 89 -23.43 -17.74 27.89
N ALA A 90 -22.42 -18.40 27.32
CA ALA A 90 -22.28 -19.84 27.35
C ALA A 90 -21.27 -20.31 28.38
N GLY A 91 -20.77 -19.40 29.22
CA GLY A 91 -19.81 -19.76 30.24
C GLY A 91 -18.49 -20.31 29.74
N MET A 92 -18.09 -19.94 28.53
CA MET A 92 -16.83 -20.37 27.92
C MET A 92 -15.95 -19.15 27.66
N ALA A 93 -14.69 -19.41 27.36
CA ALA A 93 -13.81 -18.36 26.85
C ALA A 93 -13.69 -18.46 25.34
N LEU A 94 -13.38 -17.32 24.71
CA LEU A 94 -12.92 -17.37 23.33
C LEU A 94 -11.69 -18.25 23.25
N PRO A 95 -11.39 -18.81 22.08
CA PRO A 95 -10.14 -19.55 21.93
C PRO A 95 -8.96 -18.59 22.07
N ALA A 96 -7.79 -19.15 22.34
CA ALA A 96 -6.60 -18.32 22.40
C ALA A 96 -6.12 -17.99 20.99
N ARG A 97 -5.27 -16.98 20.90
CA ARG A 97 -4.69 -16.59 19.62
C ARG A 97 -4.00 -17.79 18.95
N ASP A 98 -3.22 -18.55 19.73
CA ASP A 98 -2.46 -19.62 19.12
C ASP A 98 -3.34 -20.74 18.60
N GLN A 99 -4.54 -20.92 19.15
CA GLN A 99 -5.41 -21.98 18.63
C GLN A 99 -6.03 -21.61 17.29
N ILE A 100 -6.35 -20.34 17.09
CA ILE A 100 -6.84 -19.90 15.79
C ILE A 100 -5.72 -20.02 14.75
N VAL A 101 -4.50 -19.64 15.12
CA VAL A 101 -3.37 -19.76 14.22
C VAL A 101 -3.08 -21.22 13.90
N ARG A 102 -3.20 -22.10 14.90
CA ARG A 102 -3.00 -23.53 14.65
C ARG A 102 -4.03 -24.06 13.65
N LEU A 103 -5.29 -23.69 13.85
CA LEU A 103 -6.35 -24.11 12.95
C LEU A 103 -6.01 -23.76 11.50
N ILE A 104 -5.56 -22.52 11.28
CA ILE A 104 -5.24 -22.06 9.94
C ILE A 104 -3.97 -22.72 9.41
N ALA A 105 -2.89 -22.65 10.21
CA ALA A 105 -1.60 -23.22 9.80
C ALA A 105 -1.72 -24.69 9.43
N ASP A 106 -2.53 -25.45 10.17
CA ASP A 106 -2.65 -26.86 9.85
C ASP A 106 -3.27 -27.08 8.47
N LEU A 107 -4.08 -26.14 7.99
CA LEU A 107 -4.76 -26.28 6.71
C LEU A 107 -3.86 -25.88 5.55
N ASP A 108 -2.95 -24.92 5.76
CA ASP A 108 -2.14 -24.35 4.70
C ASP A 108 -1.34 -25.43 3.98
N ARG A 109 -1.35 -25.39 2.64
CA ARG A 109 -0.69 -26.42 1.86
C ARG A 109 -0.31 -25.74 0.54
N PRO A 110 0.84 -26.07 -0.03
CA PRO A 110 1.23 -25.48 -1.32
C PRO A 110 0.20 -25.83 -2.40
N GLY A 111 -0.06 -24.86 -3.28
CA GLY A 111 -1.12 -25.01 -4.25
C GLY A 111 -2.53 -24.95 -3.71
N ARG A 112 -2.71 -24.66 -2.42
CA ARG A 112 -4.03 -24.58 -1.81
C ARG A 112 -4.37 -23.14 -1.46
N LEU A 113 -5.65 -22.79 -1.63
CA LEU A 113 -6.21 -21.51 -1.22
C LEU A 113 -7.03 -21.77 0.03
N THR A 114 -6.64 -21.16 1.14
CA THR A 114 -7.31 -21.36 2.41
C THR A 114 -8.03 -20.07 2.78
N LEU A 115 -9.37 -20.15 2.88
CA LEU A 115 -10.21 -19.00 3.20
C LEU A 115 -10.59 -19.06 4.68
N VAL A 116 -10.42 -17.93 5.36
CA VAL A 116 -10.65 -17.84 6.79
C VAL A 116 -11.74 -16.80 7.00
N GLU A 117 -12.90 -17.22 7.49
CA GLU A 117 -13.97 -16.28 7.76
C GLU A 117 -13.97 -15.90 9.23
N GLY A 118 -14.01 -14.61 9.51
CA GLY A 118 -14.17 -14.13 10.87
C GLY A 118 -15.62 -14.14 11.32
N ALA A 119 -15.93 -13.22 12.23
CA ALA A 119 -17.29 -12.93 12.64
C ALA A 119 -17.48 -11.42 12.54
N GLY A 120 -18.53 -10.98 11.84
CA GLY A 120 -18.74 -9.55 11.69
C GLY A 120 -17.55 -8.85 11.07
N GLY A 121 -17.24 -7.67 11.60
CA GLY A 121 -16.24 -6.79 11.02
C GLY A 121 -14.79 -7.07 11.46
N LEU A 122 -13.87 -6.33 10.84
CA LEU A 122 -12.44 -6.61 10.98
C LEU A 122 -11.98 -6.56 12.43
N LEU A 123 -12.51 -5.61 13.23
CA LEU A 123 -12.01 -5.45 14.59
C LEU A 123 -12.90 -6.16 15.62
N VAL A 124 -13.77 -7.06 15.18
CA VAL A 124 -14.51 -7.89 16.11
C VAL A 124 -13.54 -8.80 16.87
N GLU A 125 -13.67 -8.84 18.19
CA GLU A 125 -12.80 -9.70 19.00
C GLU A 125 -13.12 -11.17 18.73
N LEU A 126 -12.11 -11.94 18.31
CA LEU A 126 -12.25 -13.37 18.06
C LEU A 126 -11.50 -14.26 19.04
N ALA A 127 -10.51 -13.73 19.74
CA ALA A 127 -9.75 -14.50 20.70
C ALA A 127 -9.42 -13.59 21.88
N GLU A 128 -9.42 -14.18 23.06
CA GLU A 128 -9.01 -13.44 24.25
C GLU A 128 -7.50 -13.18 24.18
N PRO A 129 -7.04 -11.94 24.43
CA PRO A 129 -7.85 -10.76 24.77
C PRO A 129 -7.83 -9.68 23.69
N GLY A 130 -9.00 -9.28 23.19
CA GLY A 130 -9.07 -8.27 22.15
C GLY A 130 -8.35 -8.62 20.86
N VAL A 131 -8.16 -9.91 20.58
CA VAL A 131 -7.43 -10.35 19.40
C VAL A 131 -8.43 -10.47 18.26
N THR A 132 -8.09 -9.87 17.10
CA THR A 132 -8.98 -9.73 15.95
C THR A 132 -8.49 -10.53 14.76
N LEU A 133 -9.29 -10.48 13.69
CA LEU A 133 -8.93 -11.13 12.43
C LEU A 133 -7.74 -10.44 11.78
N ARG A 134 -7.54 -9.16 12.07
CA ARG A 134 -6.35 -8.48 11.57
C ARG A 134 -5.09 -9.03 12.22
N ASP A 135 -5.09 -9.14 13.56
CA ASP A 135 -4.00 -9.80 14.27
C ASP A 135 -3.70 -11.17 13.67
N VAL A 136 -4.76 -11.94 13.41
CA VAL A 136 -4.60 -13.28 12.86
C VAL A 136 -4.04 -13.21 11.44
N ALA A 137 -4.47 -12.21 10.65
CA ALA A 137 -3.91 -12.08 9.31
C ALA A 137 -2.43 -11.79 9.38
N VAL A 138 -2.01 -10.98 10.35
CA VAL A 138 -0.59 -10.70 10.53
C VAL A 138 0.19 -11.97 10.85
N ASP A 139 -0.33 -12.76 11.81
CA ASP A 139 0.40 -13.95 12.26
C ASP A 139 0.62 -14.96 11.14
N VAL A 140 -0.34 -15.10 10.23
CA VAL A 140 -0.24 -16.10 9.17
C VAL A 140 0.14 -15.46 7.83
N ALA A 141 0.48 -14.16 7.82
CA ALA A 141 0.89 -13.47 6.60
C ALA A 141 -0.13 -13.66 5.47
N ALA A 142 -1.38 -13.36 5.79
CA ALA A 142 -2.47 -13.46 4.83
C ALA A 142 -2.88 -12.07 4.34
N ALA A 143 -3.26 -12.00 3.08
CA ALA A 143 -3.95 -10.83 2.57
C ALA A 143 -5.41 -10.87 2.99
N ALA A 144 -6.12 -9.78 2.74
CA ALA A 144 -7.50 -9.63 3.20
C ALA A 144 -8.42 -9.23 2.06
N LEU A 145 -9.45 -10.03 1.81
CA LEU A 145 -10.53 -9.69 0.90
C LEU A 145 -11.67 -9.07 1.70
N VAL A 146 -12.09 -7.85 1.32
CA VAL A 146 -13.08 -7.08 2.08
C VAL A 146 -14.43 -7.21 1.39
N VAL A 147 -15.42 -7.75 2.08
CA VAL A 147 -16.77 -7.82 1.53
C VAL A 147 -17.53 -6.60 2.00
N VAL A 148 -18.19 -5.92 1.06
CA VAL A 148 -18.85 -4.64 1.29
C VAL A 148 -20.28 -4.72 0.78
N THR A 149 -21.08 -3.73 1.19
CA THR A 149 -22.38 -3.48 0.60
C THR A 149 -22.24 -2.45 -0.52
N ALA A 150 -23.28 -2.36 -1.35
CA ALA A 150 -23.49 -1.21 -2.21
C ALA A 150 -24.49 -0.22 -1.61
N ASP A 151 -24.66 -0.24 -0.28
CA ASP A 151 -25.69 0.50 0.42
C ASP A 151 -25.13 1.78 1.03
N LEU A 152 -26.04 2.54 1.64
CA LEU A 152 -25.69 3.76 2.37
C LEU A 152 -24.57 3.49 3.36
N GLY A 153 -23.58 4.38 3.38
CA GLY A 153 -22.48 4.29 4.34
C GLY A 153 -21.33 3.39 3.94
N THR A 154 -21.44 2.66 2.82
CA THR A 154 -20.42 1.66 2.45
C THR A 154 -19.03 2.29 2.29
N LEU A 155 -18.96 3.48 1.67
CA LEU A 155 -17.67 4.13 1.40
C LEU A 155 -16.91 4.40 2.68
N ASN A 156 -17.59 4.99 3.66
CA ASN A 156 -16.99 5.28 4.94
C ASN A 156 -16.54 4.01 5.65
N HIS A 157 -17.43 3.04 5.81
CA HIS A 157 -17.03 1.79 6.43
C HIS A 157 -15.90 1.10 5.65
N THR A 158 -15.97 1.15 4.32
CA THR A 158 -14.94 0.50 3.51
C THR A 158 -13.60 1.22 3.65
N LYS A 159 -13.63 2.55 3.63
CA LYS A 159 -12.38 3.29 3.78
C LYS A 159 -11.79 3.08 5.16
N LEU A 160 -12.63 3.02 6.20
CA LEU A 160 -12.13 2.79 7.55
C LEU A 160 -11.55 1.39 7.71
N THR A 161 -12.18 0.39 7.10
CA THR A 161 -11.66 -0.97 7.11
C THR A 161 -10.33 -1.07 6.35
N LEU A 162 -10.26 -0.45 5.16
CA LEU A 162 -9.03 -0.48 4.38
C LEU A 162 -7.89 0.23 5.09
N GLU A 163 -8.18 1.35 5.75
CA GLU A 163 -7.13 2.08 6.47
C GLU A 163 -6.61 1.27 7.65
N ALA A 164 -7.51 0.57 8.36
CA ALA A 164 -7.05 -0.25 9.50
C ALA A 164 -6.22 -1.45 9.05
N LEU A 165 -6.50 -1.98 7.85
CA LEU A 165 -5.68 -3.05 7.29
C LEU A 165 -4.26 -2.57 6.99
N ALA A 166 -4.14 -1.41 6.34
CA ALA A 166 -2.83 -0.86 5.99
C ALA A 166 -2.06 -0.43 7.23
N ALA A 167 -2.76 -0.07 8.29
CA ALA A 167 -2.08 0.36 9.51
C ALA A 167 -1.27 -0.78 10.13
N GLN A 168 -1.70 -2.02 9.95
CA GLN A 168 -0.95 -3.19 10.37
C GLN A 168 -0.25 -3.87 9.21
N GLN A 169 -0.17 -3.22 8.06
CA GLN A 169 0.54 -3.76 6.89
C GLN A 169 -0.04 -5.09 6.43
N VAL A 170 -1.36 -5.22 6.55
CA VAL A 170 -2.07 -6.36 6.00
C VAL A 170 -2.53 -5.99 4.60
N SER A 171 -2.03 -6.73 3.61
CA SER A 171 -2.32 -6.42 2.21
C SER A 171 -3.78 -6.67 1.87
N CYS A 172 -4.34 -5.83 0.99
CA CYS A 172 -5.74 -5.92 0.60
C CYS A 172 -5.87 -6.52 -0.80
N ALA A 173 -6.60 -7.62 -0.91
CA ALA A 173 -6.77 -8.31 -2.19
C ALA A 173 -7.99 -7.83 -2.97
N GLY A 174 -8.78 -6.93 -2.40
CA GLY A 174 -9.86 -6.31 -3.14
C GLY A 174 -11.14 -6.29 -2.34
N LEU A 175 -12.17 -5.74 -2.98
CA LEU A 175 -13.55 -5.73 -2.51
C LEU A 175 -14.37 -6.76 -3.26
N VAL A 176 -15.35 -7.31 -2.56
CA VAL A 176 -16.48 -8.01 -3.14
C VAL A 176 -17.74 -7.37 -2.62
N ILE A 177 -18.66 -7.00 -3.51
CA ILE A 177 -19.99 -6.58 -3.10
C ILE A 177 -20.79 -7.86 -2.84
N GLY A 178 -21.12 -8.11 -1.59
CA GLY A 178 -21.73 -9.39 -1.24
C GLY A 178 -23.17 -9.53 -1.71
N SER A 179 -23.84 -8.42 -1.93
CA SER A 179 -25.22 -8.49 -2.39
C SER A 179 -25.41 -7.34 -3.37
N TRP A 180 -25.74 -7.69 -4.60
CA TRP A 180 -25.78 -6.75 -5.70
C TRP A 180 -27.17 -6.91 -6.30
N PRO A 181 -27.98 -5.85 -6.35
CA PRO A 181 -29.37 -6.01 -6.79
C PRO A 181 -29.51 -6.00 -8.31
N ASP A 182 -30.60 -6.60 -8.77
CA ASP A 182 -30.99 -6.52 -10.16
C ASP A 182 -32.37 -5.88 -10.26
N PRO A 183 -32.51 -4.74 -10.93
CA PRO A 183 -31.33 -4.03 -11.44
C PRO A 183 -30.73 -3.16 -10.33
N PRO A 184 -29.48 -2.74 -10.48
N PRO A 184 -29.52 -2.62 -10.52
CA PRO A 184 -28.94 -1.72 -9.58
CA PRO A 184 -28.84 -1.93 -9.40
C PRO A 184 -29.76 -0.44 -9.70
C PRO A 184 -29.63 -0.80 -8.72
N GLY A 185 -30.16 0.07 -8.55
N GLY A 185 -30.12 0.17 -9.48
CA GLY A 185 -30.74 1.39 -8.51
CA GLY A 185 -30.69 1.38 -8.91
C GLY A 185 -29.66 2.44 -8.57
C GLY A 185 -29.63 2.47 -8.75
N LEU A 186 -30.10 3.70 -8.45
CA LEU A 186 -29.16 4.81 -8.46
C LEU A 186 -28.18 4.74 -7.28
N VAL A 187 -28.64 4.27 -6.12
CA VAL A 187 -27.77 4.21 -4.95
C VAL A 187 -26.67 3.17 -5.12
N ALA A 188 -27.05 1.94 -5.45
CA ALA A 188 -26.06 0.87 -5.63
C ALA A 188 -25.13 1.15 -6.81
N ALA A 189 -25.66 1.69 -7.91
CA ALA A 189 -24.81 2.07 -9.03
C ALA A 189 -23.79 3.12 -8.59
N SER A 190 -24.26 4.16 -7.91
CA SER A 190 -23.36 5.19 -7.44
C SER A 190 -22.28 4.60 -6.53
N ASN A 191 -22.66 3.71 -5.61
CA ASN A 191 -21.68 3.20 -4.65
C ASN A 191 -20.67 2.29 -5.32
N ARG A 192 -21.11 1.38 -6.18
CA ARG A 192 -20.16 0.52 -6.87
C ARG A 192 -19.17 1.34 -7.69
N SER A 193 -19.65 2.41 -8.33
N SER A 193 -19.65 2.40 -8.35
CA SER A 193 -18.76 3.30 -9.07
CA SER A 193 -18.75 3.30 -9.07
C SER A 193 -17.74 3.96 -8.15
C SER A 193 -17.72 3.91 -8.12
N ALA A 194 -18.15 4.33 -6.93
CA ALA A 194 -17.25 5.01 -6.00
C ALA A 194 -16.31 4.04 -5.31
N LEU A 195 -16.80 2.88 -4.86
CA LEU A 195 -15.93 1.85 -4.34
C LEU A 195 -14.85 1.46 -5.34
N ALA A 196 -15.17 1.43 -6.63
CA ALA A 196 -14.17 1.02 -7.61
C ALA A 196 -13.12 2.09 -7.88
N ARG A 197 -13.34 3.33 -7.44
CA ARG A 197 -12.26 4.31 -7.52
C ARG A 197 -11.26 4.16 -6.38
N ILE A 198 -11.58 3.40 -5.34
CA ILE A 198 -10.70 3.29 -4.19
C ILE A 198 -10.07 1.91 -4.02
N ALA A 199 -10.59 0.87 -4.67
CA ALA A 199 -9.98 -0.45 -4.71
C ALA A 199 -10.57 -1.25 -5.86
N MET A 200 -10.03 -2.44 -6.10
CA MET A 200 -10.51 -3.33 -7.14
C MET A 200 -11.76 -4.06 -6.68
N VAL A 201 -12.81 -4.03 -7.49
CA VAL A 201 -14.04 -4.77 -7.19
C VAL A 201 -13.88 -6.14 -7.85
N ARG A 202 -13.55 -7.15 -7.03
CA ARG A 202 -13.25 -8.49 -7.56
C ARG A 202 -14.51 -9.19 -8.05
N ALA A 203 -15.65 -8.89 -7.45
CA ALA A 203 -16.93 -9.50 -7.80
C ALA A 203 -18.03 -8.62 -7.24
N ALA A 204 -19.24 -8.84 -7.73
CA ALA A 204 -20.46 -8.32 -7.11
C ALA A 204 -21.49 -9.44 -7.20
N LEU A 205 -21.69 -10.18 -6.12
CA LEU A 205 -22.51 -11.38 -6.20
C LEU A 205 -23.99 -11.00 -6.30
N PRO A 206 -24.72 -11.52 -7.27
CA PRO A 206 -26.14 -11.19 -7.38
C PRO A 206 -26.88 -11.53 -6.09
N ALA A 207 -27.71 -10.61 -5.64
CA ALA A 207 -28.50 -10.84 -4.45
C ALA A 207 -29.25 -12.16 -4.57
N GLY A 208 -29.40 -12.86 -3.44
CA GLY A 208 -30.07 -14.15 -3.45
C GLY A 208 -29.22 -15.30 -3.94
N ALA A 209 -27.90 -15.11 -4.06
CA ALA A 209 -27.02 -16.20 -4.48
C ALA A 209 -27.11 -17.41 -3.57
N ALA A 210 -27.48 -17.23 -2.30
CA ALA A 210 -27.60 -18.36 -1.36
C ALA A 210 -28.78 -19.29 -1.66
N SER A 211 -29.71 -18.88 -2.52
N SER A 211 -29.70 -18.88 -2.52
CA SER A 211 -30.82 -19.74 -2.90
CA SER A 211 -30.82 -19.74 -2.89
C SER A 211 -30.56 -20.53 -4.17
C SER A 211 -30.59 -20.49 -4.20
N LEU A 212 -29.51 -20.19 -4.92
CA LEU A 212 -29.18 -20.94 -6.11
C LEU A 212 -28.78 -22.37 -5.74
N ASP A 213 -29.20 -23.33 -6.56
CA ASP A 213 -28.79 -24.71 -6.30
C ASP A 213 -27.32 -24.88 -6.65
N ALA A 214 -26.82 -26.09 -6.45
CA ALA A 214 -25.39 -26.33 -6.61
C ALA A 214 -24.93 -25.94 -8.00
N GLY A 215 -25.70 -26.32 -9.02
CA GLY A 215 -25.28 -26.10 -10.39
C GLY A 215 -25.21 -24.64 -10.78
N ASP A 216 -26.29 -23.88 -10.47
CA ASP A 216 -26.33 -22.44 -10.76
C ASP A 216 -25.41 -21.64 -9.86
N PHE A 217 -25.16 -22.10 -8.63
CA PHE A 217 -24.23 -21.38 -7.79
C PHE A 217 -22.83 -21.41 -8.38
N ALA A 218 -22.47 -22.54 -8.99
CA ALA A 218 -21.15 -22.66 -9.60
C ALA A 218 -21.05 -21.88 -10.91
N ALA A 219 -22.14 -21.79 -11.68
CA ALA A 219 -22.11 -20.92 -12.85
C ALA A 219 -21.95 -19.46 -12.44
N MET A 220 -22.81 -18.99 -11.53
CA MET A 220 -22.67 -17.65 -10.97
C MET A 220 -21.23 -17.38 -10.52
N SER A 221 -20.66 -18.32 -9.77
CA SER A 221 -19.32 -18.13 -9.20
C SER A 221 -18.25 -18.02 -10.27
N ALA A 222 -18.31 -18.88 -11.29
CA ALA A 222 -17.32 -18.82 -12.37
C ALA A 222 -17.41 -17.50 -13.14
N ALA A 223 -18.60 -16.93 -13.28
CA ALA A 223 -18.79 -15.66 -13.98
C ALA A 223 -18.55 -14.44 -13.10
N ALA A 224 -18.68 -14.59 -11.78
CA ALA A 224 -18.61 -13.46 -10.85
C ALA A 224 -17.19 -12.94 -10.67
N PHE A 225 -16.19 -13.81 -10.72
CA PHE A 225 -14.78 -13.43 -10.61
C PHE A 225 -14.07 -13.59 -11.94
N ASP A 226 -13.01 -12.81 -12.10
CA ASP A 226 -12.14 -12.89 -13.27
C ASP A 226 -11.22 -14.08 -13.06
N ARG A 227 -11.33 -15.07 -13.95
CA ARG A 227 -10.59 -16.31 -13.76
C ARG A 227 -9.10 -16.06 -13.61
N ASN A 228 -8.58 -15.05 -14.29
CA ASN A 228 -7.15 -14.82 -14.25
C ASN A 228 -6.72 -14.31 -12.88
N TRP A 229 -7.58 -13.52 -12.23
CA TRP A 229 -7.31 -13.13 -10.84
C TRP A 229 -7.36 -14.33 -9.90
N VAL A 230 -8.44 -15.12 -9.99
CA VAL A 230 -8.58 -16.34 -9.18
C VAL A 230 -7.35 -17.23 -9.31
N ALA A 231 -6.95 -17.54 -10.54
CA ALA A 231 -5.85 -18.47 -10.75
C ALA A 231 -4.53 -17.87 -10.28
N GLY A 232 -4.38 -16.57 -10.37
CA GLY A 232 -3.15 -15.97 -9.89
C GLY A 232 -3.04 -15.86 -8.40
N LEU A 233 -4.04 -16.32 -7.65
CA LEU A 233 -3.96 -16.27 -6.19
C LEU A 233 -3.02 -17.34 -5.64
N VAL A 234 -2.83 -18.43 -6.39
CA VAL A 234 -2.20 -19.64 -5.90
C VAL A 234 -1.12 -20.07 -6.89
N GLY A 235 0.13 -20.10 -6.43
CA GLY A 235 1.24 -20.50 -7.29
C GLY A 235 1.17 -21.93 -7.82
N GLY B 9 -8.17 31.21 21.81
CA GLY B 9 -9.41 30.60 21.33
C GLY B 9 -10.21 29.93 22.43
N GLY B 10 -11.18 29.12 22.06
CA GLY B 10 -11.97 28.37 23.02
C GLY B 10 -11.86 26.87 22.83
N THR B 11 -12.97 26.16 22.91
CA THR B 11 -13.01 24.71 22.75
C THR B 11 -13.77 24.36 21.48
N ILE B 12 -13.11 23.66 20.55
CA ILE B 12 -13.72 23.18 19.32
C ILE B 12 -13.85 21.67 19.40
N LEU B 13 -15.04 21.17 19.04
CA LEU B 13 -15.40 19.77 19.13
C LEU B 13 -16.07 19.39 17.82
N VAL B 14 -15.45 18.51 17.04
CA VAL B 14 -16.18 17.90 15.95
C VAL B 14 -17.02 16.78 16.53
N VAL B 15 -18.26 16.70 16.09
CA VAL B 15 -19.17 15.63 16.45
C VAL B 15 -19.27 14.73 15.22
N THR B 16 -18.53 13.64 15.23
CA THR B 16 -18.57 12.67 14.17
C THR B 16 -19.43 11.50 14.62
N GLY B 17 -19.45 10.44 13.82
CA GLY B 17 -20.23 9.26 14.15
C GLY B 17 -19.75 8.05 13.40
N THR B 18 -20.23 6.90 13.86
CA THR B 18 -19.90 5.66 13.16
C THR B 18 -20.53 5.57 11.76
N GLY B 19 -21.43 6.49 11.39
CA GLY B 19 -22.03 6.46 10.07
C GLY B 19 -23.12 7.50 9.92
N THR B 20 -23.91 7.32 8.86
CA THR B 20 -25.03 8.22 8.57
C THR B 20 -26.23 7.86 9.43
N GLY B 21 -26.87 8.89 9.98
CA GLY B 21 -28.13 8.69 10.69
C GLY B 21 -27.98 7.99 12.02
N VAL B 22 -26.87 8.23 12.73
CA VAL B 22 -26.69 7.69 14.07
C VAL B 22 -27.07 8.69 15.13
N GLY B 23 -27.36 9.92 14.75
CA GLY B 23 -27.84 10.92 15.66
C GLY B 23 -26.92 12.10 15.92
N LYS B 24 -25.97 12.38 15.02
CA LYS B 24 -25.00 13.45 15.25
C LYS B 24 -25.69 14.77 15.56
N THR B 25 -26.73 15.11 14.80
CA THR B 25 -27.36 16.41 14.94
C THR B 25 -28.07 16.56 16.27
N VAL B 26 -28.88 15.56 16.67
CA VAL B 26 -29.56 15.61 17.96
C VAL B 26 -28.54 15.61 19.10
N VAL B 27 -27.39 14.96 18.90
CA VAL B 27 -26.34 15.01 19.91
C VAL B 27 -25.71 16.40 19.98
N CYS B 28 -25.45 17.04 18.82
CA CYS B 28 -25.02 18.43 18.85
C CYS B 28 -26.00 19.31 19.62
N ALA B 29 -27.29 19.21 19.26
CA ALA B 29 -28.33 19.97 19.95
C ALA B 29 -28.33 19.64 21.44
N ALA B 30 -28.25 18.34 21.78
CA ALA B 30 -28.31 17.93 23.19
C ALA B 30 -27.13 18.45 23.99
N LEU B 31 -25.92 18.40 23.41
CA LEU B 31 -24.78 18.97 24.12
C LEU B 31 -24.82 20.49 24.10
N ALA B 32 -25.30 21.08 23.00
CA ALA B 32 -25.45 22.53 22.94
C ALA B 32 -26.39 23.01 24.04
N SER B 33 -27.53 22.34 24.22
CA SER B 33 -28.47 22.71 25.28
C SER B 33 -27.84 22.55 26.66
N ALA B 34 -27.18 21.42 26.93
CA ALA B 34 -26.55 21.24 28.22
C ALA B 34 -25.52 22.34 28.49
N ALA B 35 -24.68 22.63 27.50
CA ALA B 35 -23.67 23.68 27.68
C ALA B 35 -24.34 25.02 27.97
N ARG B 36 -25.32 25.40 27.14
CA ARG B 36 -25.97 26.69 27.33
C ARG B 36 -26.61 26.79 28.70
N GLN B 37 -27.12 25.67 29.21
CA GLN B 37 -27.73 25.68 30.54
C GLN B 37 -26.67 25.81 31.63
N ALA B 38 -25.43 25.39 31.35
CA ALA B 38 -24.33 25.60 32.29
C ALA B 38 -23.67 26.97 32.13
N GLY B 39 -24.26 27.89 31.38
CA GLY B 39 -23.62 29.18 31.20
C GLY B 39 -22.56 29.26 30.12
N ILE B 40 -22.40 28.23 29.30
CA ILE B 40 -21.42 28.24 28.22
C ILE B 40 -22.08 28.72 26.93
N ASP B 41 -21.45 29.71 26.29
CA ASP B 41 -21.85 30.15 24.97
C ASP B 41 -21.52 29.08 23.93
N VAL B 42 -22.46 28.82 23.00
CA VAL B 42 -22.36 27.70 22.06
C VAL B 42 -22.50 28.20 20.63
N ALA B 43 -21.63 27.70 19.75
CA ALA B 43 -21.78 27.85 18.31
C ALA B 43 -21.79 26.48 17.64
N VAL B 44 -22.53 26.36 16.52
CA VAL B 44 -22.57 25.14 15.75
C VAL B 44 -22.34 25.47 14.29
N CYS B 45 -21.50 24.68 13.63
CA CYS B 45 -21.16 24.87 12.22
C CYS B 45 -21.41 23.57 11.49
N LYS B 46 -22.34 23.58 10.55
CA LYS B 46 -22.50 22.48 9.60
C LYS B 46 -22.11 23.04 8.25
N PRO B 47 -20.88 22.83 7.78
CA PRO B 47 -20.44 23.50 6.54
C PRO B 47 -21.25 23.12 5.31
N VAL B 48 -21.66 21.85 5.19
CA VAL B 48 -22.36 21.35 4.00
C VAL B 48 -23.63 20.66 4.45
N GLN B 49 -24.78 21.16 3.98
CA GLN B 49 -26.08 20.54 4.19
C GLN B 49 -26.56 19.94 2.88
N THR B 50 -27.11 18.73 2.93
CA THR B 50 -27.68 18.10 1.74
C THR B 50 -29.18 17.83 1.98
N GLY B 51 -29.81 17.20 0.99
CA GLY B 51 -31.25 16.92 1.11
C GLY B 51 -32.12 18.14 1.36
N THR B 52 -31.77 19.27 0.77
CA THR B 52 -32.52 20.48 1.06
C THR B 52 -33.84 20.52 0.31
N ALA B 53 -33.96 19.76 -0.79
CA ALA B 53 -35.24 19.69 -1.50
C ALA B 53 -36.33 19.18 -0.57
N ARG B 54 -36.07 18.08 0.14
CA ARG B 54 -37.06 17.55 1.07
C ARG B 54 -37.04 18.27 2.41
N GLY B 55 -36.19 19.27 2.59
CA GLY B 55 -36.23 20.12 3.76
C GLY B 55 -35.27 19.79 4.88
N ASP B 56 -34.22 19.01 4.65
CA ASP B 56 -33.25 18.75 5.71
C ASP B 56 -32.50 20.02 6.08
N ASP B 57 -32.24 20.19 7.39
CA ASP B 57 -31.58 21.40 7.90
C ASP B 57 -31.10 21.09 9.33
N ASP B 58 -29.94 20.48 9.43
CA ASP B 58 -29.48 20.05 10.76
C ASP B 58 -29.25 21.25 11.68
N LEU B 59 -28.83 22.40 11.12
CA LEU B 59 -28.65 23.63 11.90
C LEU B 59 -29.97 24.11 12.48
N ALA B 60 -31.05 24.10 11.70
CA ALA B 60 -32.34 24.51 12.24
C ALA B 60 -32.79 23.62 13.39
N GLU B 61 -32.61 22.31 13.25
CA GLU B 61 -32.87 21.38 14.36
C GLU B 61 -32.14 21.79 15.64
N VAL B 62 -30.84 22.11 15.53
CA VAL B 62 -30.09 22.52 16.70
C VAL B 62 -30.65 23.84 17.26
N GLY B 63 -30.92 24.81 16.39
CA GLY B 63 -31.48 26.07 16.84
C GLY B 63 -32.85 25.90 17.48
N ARG B 64 -33.66 24.97 16.99
CA ARG B 64 -34.97 24.77 17.58
C ARG B 64 -34.91 24.01 18.89
N LEU B 65 -34.05 22.99 19.00
CA LEU B 65 -34.03 22.17 20.21
C LEU B 65 -33.16 22.77 21.32
N ALA B 66 -32.06 23.44 20.97
CA ALA B 66 -31.17 24.00 21.97
C ALA B 66 -31.17 25.53 22.04
N GLY B 67 -31.72 26.23 21.06
CA GLY B 67 -31.75 27.68 21.12
C GLY B 67 -30.50 28.40 20.66
N VAL B 68 -29.51 27.68 20.11
CA VAL B 68 -28.31 28.30 19.55
C VAL B 68 -28.70 29.28 18.44
N THR B 69 -28.05 30.44 18.43
CA THR B 69 -28.23 31.43 17.36
C THR B 69 -27.05 31.49 16.43
N GLN B 70 -25.85 31.19 16.92
CA GLN B 70 -24.66 31.21 16.10
C GLN B 70 -24.60 29.86 15.38
N LEU B 71 -25.08 29.84 14.14
CA LEU B 71 -25.31 28.64 13.34
C LEU B 71 -24.78 28.98 11.95
N ALA B 72 -23.58 28.46 11.62
CA ALA B 72 -22.86 28.82 10.40
C ALA B 72 -22.85 27.66 9.42
N GLY B 73 -22.96 27.98 8.13
CA GLY B 73 -22.92 26.98 7.05
C GLY B 73 -22.52 27.64 5.75
N LEU B 74 -22.05 26.81 4.82
CA LEU B 74 -21.50 27.30 3.55
C LEU B 74 -22.22 26.82 2.30
N ALA B 75 -22.86 25.65 2.34
CA ALA B 75 -23.30 25.05 1.10
C ALA B 75 -24.55 24.21 1.38
N ARG B 76 -25.47 24.21 0.43
CA ARG B 76 -26.74 23.48 0.55
C ARG B 76 -27.04 22.84 -0.80
N TYR B 77 -27.14 21.51 -0.81
CA TYR B 77 -27.40 20.70 -2.00
C TYR B 77 -28.77 20.05 -1.89
N PRO B 78 -29.59 20.11 -2.96
CA PRO B 78 -30.96 19.57 -2.85
C PRO B 78 -31.02 18.06 -2.65
N GLN B 79 -30.15 17.30 -3.30
CA GLN B 79 -30.29 15.85 -3.28
C GLN B 79 -29.92 15.30 -1.90
N PRO B 80 -30.72 14.37 -1.37
CA PRO B 80 -30.37 13.72 -0.08
C PRO B 80 -29.35 12.62 -0.26
N MET B 81 -28.11 13.02 -0.54
CA MET B 81 -26.98 12.13 -0.71
C MET B 81 -25.80 12.61 0.14
N ALA B 82 -24.70 11.89 0.07
CA ALA B 82 -23.48 12.40 0.65
C ALA B 82 -23.11 13.71 -0.03
N PRO B 83 -22.36 14.57 0.66
CA PRO B 83 -21.98 15.86 0.05
C PRO B 83 -21.38 15.75 -1.35
N ALA B 84 -20.50 14.77 -1.57
CA ALA B 84 -19.77 14.73 -2.84
C ALA B 84 -20.65 14.24 -3.97
N ALA B 85 -21.53 13.27 -3.69
CA ALA B 85 -22.46 12.81 -4.71
C ALA B 85 -23.56 13.82 -4.97
N ALA B 86 -24.02 14.53 -3.92
CA ALA B 86 -25.00 15.59 -4.15
C ALA B 86 -24.41 16.75 -4.93
N ALA B 87 -23.13 17.05 -4.70
CA ALA B 87 -22.50 18.11 -5.46
C ALA B 87 -22.26 17.68 -6.89
N GLU B 88 -21.99 16.39 -7.11
CA GLU B 88 -21.75 15.90 -8.46
C GLU B 88 -23.05 15.88 -9.26
N HIS B 89 -24.15 15.51 -8.60
CA HIS B 89 -25.46 15.57 -9.22
C HIS B 89 -25.84 17.01 -9.57
N ALA B 90 -25.56 17.95 -8.67
CA ALA B 90 -25.89 19.33 -8.91
C ALA B 90 -24.97 20.01 -9.91
N GLY B 91 -23.83 19.40 -10.24
CA GLY B 91 -22.86 20.03 -11.10
C GLY B 91 -22.04 21.15 -10.47
N MET B 92 -22.01 21.26 -9.14
CA MET B 92 -21.29 22.33 -8.47
C MET B 92 -20.39 21.76 -7.38
N ALA B 93 -19.13 22.19 -7.36
CA ALA B 93 -18.15 21.66 -6.42
C ALA B 93 -18.56 21.91 -4.98
N LEU B 94 -18.14 21.00 -4.11
CA LEU B 94 -18.13 21.27 -2.68
C LEU B 94 -17.32 22.52 -2.38
N PRO B 95 -17.52 23.10 -1.19
CA PRO B 95 -16.61 24.18 -0.73
C PRO B 95 -15.16 23.70 -0.67
N ALA B 96 -14.28 24.65 -0.40
CA ALA B 96 -12.85 24.38 -0.30
C ALA B 96 -12.47 24.10 1.15
N ARG B 97 -11.31 23.46 1.32
CA ARG B 97 -10.81 23.16 2.66
C ARG B 97 -10.59 24.44 3.47
N ASP B 98 -9.94 25.44 2.88
CA ASP B 98 -9.68 26.67 3.63
C ASP B 98 -11.00 27.31 4.09
N GLN B 99 -12.01 27.33 3.21
CA GLN B 99 -13.28 27.95 3.52
C GLN B 99 -13.86 27.42 4.83
N ILE B 100 -13.93 26.09 4.96
CA ILE B 100 -14.48 25.47 6.16
C ILE B 100 -13.61 25.78 7.36
N VAL B 101 -12.30 25.60 7.21
CA VAL B 101 -11.37 25.80 8.34
C VAL B 101 -11.46 27.24 8.83
N ARG B 102 -11.46 28.20 7.91
CA ARG B 102 -11.51 29.59 8.33
C ARG B 102 -12.85 29.91 8.99
N LEU B 103 -13.93 29.32 8.48
CA LEU B 103 -15.24 29.58 9.09
C LEU B 103 -15.27 29.14 10.53
N ILE B 104 -14.74 27.94 10.81
CA ILE B 104 -14.68 27.44 12.17
C ILE B 104 -13.72 28.27 13.02
N ALA B 105 -12.54 28.57 12.46
CA ALA B 105 -11.56 29.43 13.14
C ALA B 105 -12.19 30.75 13.60
N ASP B 106 -12.97 31.39 12.73
CA ASP B 106 -13.56 32.70 13.05
C ASP B 106 -14.72 32.61 14.04
N LEU B 107 -15.43 31.46 14.10
CA LEU B 107 -16.45 31.25 15.14
C LEU B 107 -15.82 31.12 16.51
N ASP B 108 -14.62 30.54 16.57
CA ASP B 108 -13.97 30.21 17.82
C ASP B 108 -13.65 31.46 18.62
N ARG B 109 -13.91 31.41 19.92
CA ARG B 109 -13.50 32.48 20.83
C ARG B 109 -13.44 31.93 22.25
N PRO B 110 -12.71 32.59 23.16
CA PRO B 110 -12.64 32.11 24.54
C PRO B 110 -14.00 32.14 25.21
N GLY B 111 -14.26 31.12 26.03
CA GLY B 111 -15.57 30.97 26.63
C GLY B 111 -16.60 30.31 25.74
N ARG B 112 -16.25 29.94 24.52
CA ARG B 112 -17.22 29.42 23.58
C ARG B 112 -16.96 27.94 23.33
N LEU B 113 -18.03 27.14 23.39
CA LEU B 113 -18.00 25.78 22.89
C LEU B 113 -18.49 25.85 21.46
N THR B 114 -17.63 25.47 20.52
CA THR B 114 -17.96 25.46 19.10
C THR B 114 -18.05 24.00 18.65
N LEU B 115 -19.24 23.59 18.22
CA LEU B 115 -19.47 22.24 17.68
C LEU B 115 -19.49 22.27 16.15
N VAL B 116 -19.02 21.18 15.54
CA VAL B 116 -18.85 21.06 14.09
C VAL B 116 -19.43 19.72 13.65
N GLU B 117 -20.38 19.75 12.73
CA GLU B 117 -20.96 18.54 12.18
C GLU B 117 -20.58 18.43 10.71
N GLY B 118 -20.11 17.26 10.31
CA GLY B 118 -19.88 16.99 8.91
C GLY B 118 -21.08 16.31 8.29
N ALA B 119 -20.90 15.08 7.82
CA ALA B 119 -21.99 14.30 7.26
C ALA B 119 -21.58 12.83 7.30
N GLY B 120 -22.48 11.96 7.74
CA GLY B 120 -22.16 10.54 7.80
C GLY B 120 -20.96 10.28 8.69
N GLY B 121 -20.17 9.28 8.31
CA GLY B 121 -19.00 8.88 9.08
C GLY B 121 -17.83 9.85 8.99
N LEU B 122 -16.77 9.47 9.70
CA LEU B 122 -15.60 10.34 9.83
C LEU B 122 -14.94 10.61 8.48
N LEU B 123 -15.07 9.69 7.51
CA LEU B 123 -14.27 9.75 6.29
C LEU B 123 -15.07 10.11 5.05
N VAL B 124 -16.32 10.53 5.18
CA VAL B 124 -17.04 10.94 3.98
C VAL B 124 -16.47 12.29 3.52
N GLU B 125 -16.40 12.45 2.21
CA GLU B 125 -15.78 13.65 1.66
C GLU B 125 -16.60 14.86 2.04
N LEU B 126 -15.93 15.86 2.62
CA LEU B 126 -16.60 17.07 3.06
C LEU B 126 -16.24 18.31 2.25
N ALA B 127 -15.08 18.35 1.60
CA ALA B 127 -14.69 19.46 0.75
C ALA B 127 -13.87 18.98 -0.45
N GLU B 128 -13.70 19.87 -1.42
N GLU B 128 -13.65 19.89 -1.39
CA GLU B 128 -12.83 19.44 -2.51
CA GLU B 128 -12.79 19.65 -2.55
C GLU B 128 -11.37 19.76 -2.20
C GLU B 128 -11.32 19.81 -2.15
N PRO B 129 -10.44 18.86 -2.51
CA PRO B 129 -10.73 17.53 -3.06
C PRO B 129 -10.51 16.42 -2.04
N GLY B 130 -11.56 15.69 -1.70
CA GLY B 130 -11.40 14.54 -0.83
C GLY B 130 -11.05 14.83 0.62
N VAL B 131 -11.30 16.05 1.11
CA VAL B 131 -10.90 16.41 2.47
C VAL B 131 -12.04 16.08 3.42
N THR B 132 -11.70 15.52 4.58
CA THR B 132 -12.71 14.96 5.46
C THR B 132 -12.88 15.80 6.71
N LEU B 133 -13.81 15.36 7.57
CA LEU B 133 -13.95 15.97 8.88
C LEU B 133 -12.72 15.72 9.74
N ARG B 134 -12.01 14.63 9.49
CA ARG B 134 -10.75 14.40 10.19
C ARG B 134 -9.73 15.48 9.85
N ASP B 135 -9.56 15.78 8.54
CA ASP B 135 -8.64 16.83 8.12
C ASP B 135 -8.99 18.17 8.73
N VAL B 136 -10.30 18.47 8.80
CA VAL B 136 -10.78 19.71 9.44
C VAL B 136 -10.44 19.71 10.93
N ALA B 137 -10.70 18.60 11.61
CA ALA B 137 -10.36 18.52 13.04
C ALA B 137 -8.87 18.73 13.26
N VAL B 138 -8.04 18.14 12.41
CA VAL B 138 -6.59 18.32 12.54
C VAL B 138 -6.22 19.79 12.37
N ASP B 139 -6.85 20.48 11.40
CA ASP B 139 -6.48 21.84 11.05
C ASP B 139 -6.87 22.86 12.13
N VAL B 140 -8.01 22.66 12.80
CA VAL B 140 -8.46 23.56 13.85
C VAL B 140 -8.14 23.02 15.23
N ALA B 141 -7.38 21.93 15.31
CA ALA B 141 -7.01 21.29 16.58
C ALA B 141 -8.24 21.03 17.45
N ALA B 142 -9.25 20.40 16.86
CA ALA B 142 -10.43 19.97 17.58
C ALA B 142 -10.27 18.53 18.08
N ALA B 143 -10.88 18.26 19.23
CA ALA B 143 -11.09 16.89 19.67
C ALA B 143 -12.41 16.37 19.06
N ALA B 144 -12.66 15.07 19.21
CA ALA B 144 -13.75 14.41 18.49
C ALA B 144 -14.68 13.70 19.46
N LEU B 145 -15.95 14.10 19.44
CA LEU B 145 -17.02 13.36 20.09
C LEU B 145 -17.59 12.38 19.06
N VAL B 146 -17.70 11.11 19.43
CA VAL B 146 -18.09 10.06 18.49
C VAL B 146 -19.46 9.54 18.89
N VAL B 147 -20.45 9.75 18.03
CA VAL B 147 -21.81 9.30 18.27
C VAL B 147 -21.98 7.93 17.66
N VAL B 148 -22.51 6.99 18.44
CA VAL B 148 -22.60 5.60 18.06
C VAL B 148 -24.02 5.09 18.29
N THR B 149 -24.30 3.91 17.75
CA THR B 149 -25.49 3.16 18.09
C THR B 149 -25.17 2.23 19.25
N ALA B 150 -26.21 1.60 19.80
CA ALA B 150 -26.03 0.50 20.73
C ALA B 150 -26.43 -0.82 20.09
N ASP B 151 -26.49 -0.84 18.76
CA ASP B 151 -27.07 -1.90 17.96
C ASP B 151 -25.98 -2.79 17.37
N LEU B 152 -26.43 -3.83 16.66
CA LEU B 152 -25.57 -4.73 15.90
C LEU B 152 -24.45 -3.97 15.22
N GLY B 153 -23.23 -4.49 15.34
CA GLY B 153 -22.09 -3.96 14.62
C GLY B 153 -21.41 -2.74 15.22
N THR B 154 -21.93 -2.19 16.32
CA THR B 154 -21.43 -0.90 16.78
C THR B 154 -20.00 -0.98 17.30
N LEU B 155 -19.57 -2.10 17.88
CA LEU B 155 -18.20 -2.16 18.42
C LEU B 155 -17.17 -2.10 17.31
N ASN B 156 -17.37 -2.86 16.23
CA ASN B 156 -16.46 -2.81 15.09
C ASN B 156 -16.35 -1.41 14.54
N HIS B 157 -17.48 -0.77 14.23
CA HIS B 157 -17.48 0.59 13.71
C HIS B 157 -16.91 1.58 14.71
N THR B 158 -17.26 1.46 15.99
CA THR B 158 -16.66 2.37 16.97
C THR B 158 -15.14 2.20 17.01
N LYS B 159 -14.65 0.97 16.92
CA LYS B 159 -13.21 0.79 17.04
C LYS B 159 -12.50 1.31 15.80
N LEU B 160 -13.08 1.10 14.61
CA LEU B 160 -12.48 1.61 13.37
C LEU B 160 -12.44 3.13 13.37
N THR B 161 -13.47 3.77 13.91
CA THR B 161 -13.53 5.23 13.92
C THR B 161 -12.53 5.80 14.92
N LEU B 162 -12.40 5.17 16.08
CA LEU B 162 -11.39 5.57 17.05
C LEU B 162 -9.97 5.40 16.49
N GLU B 163 -9.68 4.29 15.81
CA GLU B 163 -8.35 4.10 15.22
C GLU B 163 -8.01 5.22 14.24
N ALA B 164 -8.99 5.60 13.40
CA ALA B 164 -8.74 6.63 12.41
C ALA B 164 -8.49 7.98 13.07
N LEU B 165 -9.20 8.26 14.16
CA LEU B 165 -8.96 9.49 14.89
C LEU B 165 -7.54 9.50 15.45
N ALA B 166 -7.23 8.48 16.25
CA ALA B 166 -5.93 8.40 16.90
C ALA B 166 -4.80 8.41 15.88
N ALA B 167 -5.05 7.89 14.67
CA ALA B 167 -4.00 7.83 13.65
C ALA B 167 -3.50 9.22 13.27
N GLN B 168 -4.34 10.25 13.42
CA GLN B 168 -3.95 11.63 13.16
C GLN B 168 -3.91 12.46 14.43
N GLN B 169 -3.84 11.80 15.59
CA GLN B 169 -3.77 12.45 16.90
C GLN B 169 -4.96 13.37 17.16
N VAL B 170 -6.12 13.05 16.59
CA VAL B 170 -7.36 13.72 16.95
C VAL B 170 -7.89 13.06 18.22
N SER B 171 -7.94 13.82 19.30
CA SER B 171 -8.28 13.25 20.60
C SER B 171 -9.76 12.89 20.68
N CYS B 172 -10.05 11.74 21.32
CA CYS B 172 -11.41 11.26 21.54
C CYS B 172 -11.95 11.89 22.81
N ALA B 173 -12.96 12.76 22.65
CA ALA B 173 -13.60 13.40 23.79
C ALA B 173 -14.55 12.47 24.52
N GLY B 174 -14.98 11.39 23.87
CA GLY B 174 -15.92 10.45 24.43
C GLY B 174 -16.88 9.93 23.38
N LEU B 175 -17.72 8.98 23.78
CA LEU B 175 -18.79 8.47 22.95
C LEU B 175 -20.12 8.99 23.48
N VAL B 176 -21.07 9.15 22.57
CA VAL B 176 -22.47 9.34 22.91
C VAL B 176 -23.26 8.31 22.13
N ILE B 177 -24.24 7.70 22.78
CA ILE B 177 -25.16 6.79 22.11
C ILE B 177 -26.30 7.64 21.57
N GLY B 178 -26.41 7.72 20.25
CA GLY B 178 -27.34 8.67 19.66
C GLY B 178 -28.80 8.36 19.95
N SER B 179 -29.14 7.08 20.09
CA SER B 179 -30.51 6.65 20.31
C SER B 179 -30.49 5.43 21.22
N TRP B 180 -30.94 5.62 22.47
CA TRP B 180 -30.94 4.58 23.47
C TRP B 180 -32.34 3.97 23.53
N PRO B 181 -32.53 2.71 23.16
CA PRO B 181 -33.88 2.16 23.03
C PRO B 181 -34.54 1.98 24.38
N ASP B 182 -35.87 1.93 24.35
CA ASP B 182 -36.67 1.65 25.54
C ASP B 182 -37.62 0.49 25.24
N PRO B 183 -37.57 -0.61 25.99
CA PRO B 183 -36.56 -0.85 27.02
C PRO B 183 -35.25 -1.24 26.35
N PRO B 184 -34.10 -1.14 27.06
CA PRO B 184 -32.80 -1.46 26.41
C PRO B 184 -32.84 -2.76 25.63
N GLY B 185 -33.05 -3.86 26.33
CA GLY B 185 -32.93 -5.18 25.73
C GLY B 185 -31.54 -5.74 25.93
N LEU B 186 -31.40 -7.01 25.54
CA LEU B 186 -30.17 -7.73 25.82
C LEU B 186 -29.03 -7.28 24.92
N VAL B 187 -29.33 -6.88 23.69
CA VAL B 187 -28.28 -6.45 22.76
C VAL B 187 -27.80 -5.05 23.11
N ALA B 188 -28.73 -4.08 23.23
CA ALA B 188 -28.33 -2.72 23.55
C ALA B 188 -27.55 -2.65 24.86
N ALA B 189 -28.04 -3.34 25.89
CA ALA B 189 -27.34 -3.35 27.17
C ALA B 189 -25.93 -3.93 27.01
N SER B 190 -25.83 -5.12 26.42
CA SER B 190 -24.55 -5.76 26.20
C SER B 190 -23.59 -4.84 25.42
N ASN B 191 -24.09 -4.23 24.34
CA ASN B 191 -23.24 -3.33 23.56
C ASN B 191 -22.80 -2.11 24.37
N ARG B 192 -23.68 -1.56 25.22
CA ARG B 192 -23.27 -0.38 25.98
C ARG B 192 -22.13 -0.71 26.93
N SER B 193 -22.22 -1.86 27.62
CA SER B 193 -21.15 -2.28 28.53
C SER B 193 -19.81 -2.39 27.81
N ALA B 194 -19.83 -2.81 26.54
CA ALA B 194 -18.58 -3.06 25.85
C ALA B 194 -17.99 -1.76 25.31
N LEU B 195 -18.83 -0.85 24.82
CA LEU B 195 -18.34 0.49 24.50
C LEU B 195 -17.81 1.19 25.74
N ALA B 196 -18.48 1.00 26.88
CA ALA B 196 -17.99 1.58 28.12
C ALA B 196 -16.56 1.12 28.45
N ARG B 197 -16.09 0.02 27.86
CA ARG B 197 -14.73 -0.44 28.13
C ARG B 197 -13.70 0.08 27.14
N ILE B 198 -14.13 0.73 26.06
CA ILE B 198 -13.17 1.28 25.09
C ILE B 198 -13.18 2.81 25.05
N ALA B 199 -14.15 3.47 25.66
CA ALA B 199 -14.13 4.92 25.81
C ALA B 199 -15.26 5.32 26.75
N MET B 200 -15.15 6.53 27.31
CA MET B 200 -16.20 7.03 28.19
C MET B 200 -17.47 7.32 27.40
N VAL B 201 -18.60 6.82 27.89
CA VAL B 201 -19.91 7.06 27.29
C VAL B 201 -20.46 8.31 27.98
N ARG B 202 -20.45 9.43 27.24
CA ARG B 202 -20.83 10.69 27.84
C ARG B 202 -22.34 10.77 28.02
N ALA B 203 -23.11 10.15 27.14
CA ALA B 203 -24.56 10.20 27.26
C ALA B 203 -25.19 9.12 26.39
N ALA B 204 -26.45 8.82 26.67
CA ALA B 204 -27.27 7.94 25.82
C ALA B 204 -28.63 8.62 25.65
N LEU B 205 -28.82 9.28 24.53
CA LEU B 205 -30.06 10.03 24.32
C LEU B 205 -31.23 9.07 24.15
N PRO B 206 -32.32 9.25 24.91
CA PRO B 206 -33.48 8.37 24.74
C PRO B 206 -34.01 8.43 23.30
N ALA B 207 -34.39 7.26 22.80
CA ALA B 207 -34.95 7.15 21.46
C ALA B 207 -36.10 8.14 21.26
N GLY B 208 -36.12 8.77 20.10
CA GLY B 208 -37.18 9.72 19.79
C GLY B 208 -37.00 11.11 20.36
N ALA B 209 -35.84 11.42 20.95
CA ALA B 209 -35.68 12.70 21.62
C ALA B 209 -35.65 13.87 20.64
N ALA B 210 -35.33 13.62 19.37
CA ALA B 210 -35.29 14.71 18.40
C ALA B 210 -36.65 15.33 18.11
N SER B 211 -37.74 14.73 18.57
CA SER B 211 -39.05 15.28 18.31
C SER B 211 -39.66 15.92 19.55
N LEU B 212 -38.91 16.03 20.64
CA LEU B 212 -39.40 16.71 21.83
C LEU B 212 -39.49 18.22 21.57
N ASP B 213 -40.37 18.90 22.32
CA ASP B 213 -40.31 20.35 22.25
C ASP B 213 -39.15 20.86 23.09
N ALA B 214 -38.81 22.13 22.87
CA ALA B 214 -37.53 22.65 23.33
C ALA B 214 -37.42 22.59 24.84
N GLY B 215 -38.52 22.82 25.55
CA GLY B 215 -38.51 22.68 27.00
C GLY B 215 -38.13 21.27 27.44
N ASP B 216 -38.81 20.26 26.90
CA ASP B 216 -38.48 18.87 27.25
C ASP B 216 -37.07 18.50 26.80
N PHE B 217 -36.67 18.98 25.61
CA PHE B 217 -35.35 18.64 25.12
C PHE B 217 -34.27 19.23 26.01
N ALA B 218 -34.48 20.45 26.49
CA ALA B 218 -33.51 21.04 27.41
C ALA B 218 -33.43 20.23 28.70
N ALA B 219 -34.59 19.93 29.30
CA ALA B 219 -34.59 19.12 30.51
C ALA B 219 -33.93 17.75 30.27
N MET B 220 -34.35 17.06 29.20
CA MET B 220 -33.71 15.79 28.87
C MET B 220 -32.20 15.95 28.70
N SER B 221 -31.76 17.03 28.03
CA SER B 221 -30.36 17.22 27.72
C SER B 221 -29.52 17.50 28.96
N ALA B 222 -30.10 18.19 29.95
CA ALA B 222 -29.32 18.46 31.14
C ALA B 222 -29.20 17.23 32.03
N ALA B 223 -30.15 16.29 31.93
CA ALA B 223 -30.03 15.03 32.64
C ALA B 223 -29.15 14.02 31.91
N ALA B 224 -28.87 14.23 30.62
CA ALA B 224 -28.17 13.22 29.82
C ALA B 224 -26.65 13.27 29.98
N PHE B 225 -26.08 14.45 30.19
CA PHE B 225 -24.65 14.56 30.37
C PHE B 225 -24.33 14.78 31.84
N ASP B 226 -23.06 14.60 32.18
CA ASP B 226 -22.59 14.83 33.54
C ASP B 226 -22.24 16.30 33.69
N ARG B 227 -22.87 16.93 34.71
CA ARG B 227 -22.79 18.38 34.91
C ARG B 227 -21.35 18.88 34.97
N ASN B 228 -20.46 18.09 35.55
CA ASN B 228 -19.08 18.53 35.70
C ASN B 228 -18.28 18.42 34.41
N TRP B 229 -18.46 17.32 33.68
CA TRP B 229 -17.76 17.17 32.41
C TRP B 229 -18.14 18.28 31.43
N VAL B 230 -19.43 18.66 31.41
CA VAL B 230 -19.88 19.76 30.57
C VAL B 230 -19.25 21.08 31.03
N ALA B 231 -19.28 21.35 32.34
CA ALA B 231 -18.73 22.60 32.86
C ALA B 231 -17.28 22.77 32.46
N GLY B 232 -16.49 21.70 32.58
CA GLY B 232 -15.08 21.76 32.24
C GLY B 232 -14.73 21.73 30.77
N LEU B 233 -15.73 21.71 29.87
CA LEU B 233 -15.42 21.74 28.44
C LEU B 233 -14.83 23.08 28.01
N VAL B 234 -15.08 24.14 28.77
CA VAL B 234 -14.53 25.45 28.46
C VAL B 234 -13.97 26.11 29.73
N HIS C 8 -13.62 4.38 -20.29
CA HIS C 8 -13.96 5.67 -19.68
C HIS C 8 -12.72 6.56 -19.53
N GLY C 9 -12.75 7.72 -20.19
CA GLY C 9 -11.64 8.67 -20.15
C GLY C 9 -10.64 8.56 -21.28
N GLY C 10 -9.38 8.90 -20.98
CA GLY C 10 -8.30 8.82 -21.95
C GLY C 10 -7.11 8.00 -21.51
N THR C 11 -5.92 8.34 -22.01
CA THR C 11 -4.71 7.55 -21.83
C THR C 11 -3.86 8.09 -20.68
N ILE C 12 -3.63 7.26 -19.66
CA ILE C 12 -2.74 7.60 -18.56
C ILE C 12 -1.48 6.76 -18.67
N LEU C 13 -0.32 7.42 -18.63
CA LEU C 13 0.99 6.80 -18.83
C LEU C 13 1.92 7.26 -17.71
N VAL C 14 2.18 6.39 -16.74
CA VAL C 14 3.23 6.69 -15.76
C VAL C 14 4.58 6.50 -16.43
N VAL C 15 5.48 7.46 -16.21
CA VAL C 15 6.81 7.45 -16.78
C VAL C 15 7.78 7.23 -15.63
N THR C 16 8.35 6.04 -15.57
CA THR C 16 9.19 5.61 -14.46
C THR C 16 10.61 5.43 -14.96
N GLY C 17 11.50 4.99 -14.07
CA GLY C 17 12.90 4.86 -14.42
C GLY C 17 13.57 3.72 -13.66
N THR C 18 14.82 3.46 -14.03
CA THR C 18 15.57 2.35 -13.46
C THR C 18 16.34 2.74 -12.20
N GLY C 19 16.31 4.00 -11.80
CA GLY C 19 16.75 4.38 -10.47
C GLY C 19 18.11 5.05 -10.33
N THR C 20 18.66 5.63 -11.40
CA THR C 20 19.87 6.44 -11.33
C THR C 20 19.60 7.92 -11.61
N GLY C 21 18.33 8.36 -11.63
CA GLY C 21 18.00 9.67 -12.16
C GLY C 21 18.32 9.68 -13.65
N VAL C 22 17.45 9.00 -14.40
CA VAL C 22 17.73 8.60 -15.78
C VAL C 22 17.24 9.58 -16.82
N GLY C 23 16.55 10.65 -16.43
CA GLY C 23 16.03 11.61 -17.37
C GLY C 23 14.57 11.44 -17.71
N LYS C 24 13.75 10.97 -16.78
CA LYS C 24 12.32 10.86 -17.03
C LYS C 24 11.74 12.20 -17.52
N THR C 25 12.11 13.29 -16.85
CA THR C 25 11.52 14.60 -17.16
C THR C 25 11.80 15.03 -18.61
N VAL C 26 13.05 14.90 -19.06
CA VAL C 26 13.34 15.26 -20.44
C VAL C 26 12.68 14.26 -21.39
N VAL C 27 12.37 13.06 -20.91
CA VAL C 27 11.56 12.14 -21.70
C VAL C 27 10.12 12.59 -21.72
N CYS C 28 9.55 12.87 -20.54
CA CYS C 28 8.21 13.43 -20.47
C CYS C 28 8.07 14.62 -21.42
N ALA C 29 9.00 15.57 -21.35
CA ALA C 29 8.94 16.74 -22.22
C ALA C 29 9.04 16.36 -23.70
N ALA C 30 9.85 15.36 -24.04
CA ALA C 30 10.07 15.05 -25.45
C ALA C 30 8.87 14.31 -26.05
N LEU C 31 8.19 13.47 -25.26
CA LEU C 31 6.99 12.81 -25.77
C LEU C 31 5.80 13.77 -25.81
N ALA C 32 5.63 14.58 -24.75
CA ALA C 32 4.57 15.59 -24.74
C ALA C 32 4.72 16.57 -25.89
N SER C 33 5.95 16.81 -26.34
CA SER C 33 6.16 17.65 -27.52
C SER C 33 5.76 16.92 -28.79
N ALA C 34 6.20 15.67 -28.95
CA ALA C 34 5.83 14.90 -30.13
C ALA C 34 4.32 14.77 -30.25
N ALA C 35 3.61 14.68 -29.13
CA ALA C 35 2.16 14.62 -29.16
C ALA C 35 1.54 15.97 -29.49
N ARG C 36 2.17 17.06 -29.05
CA ARG C 36 1.67 18.38 -29.40
C ARG C 36 1.83 18.66 -30.88
N GLN C 37 2.86 18.10 -31.51
CA GLN C 37 3.05 18.24 -32.95
C GLN C 37 2.20 17.27 -33.76
N ALA C 38 1.43 16.42 -33.09
CA ALA C 38 0.40 15.61 -33.72
C ALA C 38 -1.00 16.09 -33.39
N GLY C 39 -1.12 17.19 -32.64
CA GLY C 39 -2.42 17.72 -32.26
C GLY C 39 -3.08 17.03 -31.09
N ILE C 40 -2.31 16.50 -30.15
CA ILE C 40 -2.82 15.67 -29.07
C ILE C 40 -2.75 16.46 -27.76
N ASP C 41 -3.82 16.41 -26.97
CA ASP C 41 -3.90 17.13 -25.71
C ASP C 41 -3.09 16.40 -24.64
N VAL C 42 -1.92 16.94 -24.30
CA VAL C 42 -1.04 16.37 -23.29
C VAL C 42 -1.19 17.12 -21.98
N ALA C 43 -1.18 16.39 -20.87
CA ALA C 43 -1.22 17.00 -19.55
C ALA C 43 -0.21 16.28 -18.67
N VAL C 44 0.92 16.94 -18.37
CA VAL C 44 2.00 16.32 -17.60
C VAL C 44 1.76 16.57 -16.10
N CYS C 45 2.12 15.57 -15.29
CA CYS C 45 1.76 15.54 -13.88
C CYS C 45 2.96 15.05 -13.06
N LYS C 46 3.24 15.73 -11.95
CA LYS C 46 4.34 15.37 -11.05
C LYS C 46 3.83 15.40 -9.62
N PRO C 47 3.21 14.32 -9.15
CA PRO C 47 2.57 14.36 -7.83
C PRO C 47 3.50 14.66 -6.68
N VAL C 48 4.74 14.16 -6.69
CA VAL C 48 5.67 14.36 -5.58
C VAL C 48 6.98 14.93 -6.14
N GLN C 49 7.30 16.16 -5.74
CA GLN C 49 8.46 16.90 -6.23
C GLN C 49 9.43 17.17 -5.08
N THR C 50 10.71 16.93 -5.34
CA THR C 50 11.77 17.14 -4.35
C THR C 50 12.84 18.05 -4.94
N GLY C 51 13.81 18.43 -4.10
CA GLY C 51 14.97 19.16 -4.59
C GLY C 51 14.74 20.63 -4.94
N THR C 52 13.69 21.26 -4.41
CA THR C 52 13.47 22.67 -4.72
C THR C 52 14.47 23.59 -4.02
N ALA C 53 15.12 23.13 -2.95
CA ALA C 53 16.29 23.86 -2.44
C ALA C 53 17.41 23.92 -3.46
N ARG C 54 17.40 23.01 -4.42
CA ARG C 54 18.37 22.97 -5.51
C ARG C 54 17.87 23.68 -6.75
N GLY C 55 16.60 24.07 -6.77
CA GLY C 55 15.98 24.63 -7.96
C GLY C 55 15.22 23.65 -8.80
N ASP C 56 15.21 22.37 -8.43
CA ASP C 56 14.46 21.36 -9.15
C ASP C 56 13.01 21.78 -9.32
N ASP C 57 12.49 21.61 -10.53
CA ASP C 57 11.06 21.76 -10.79
C ASP C 57 10.75 21.09 -12.12
N ASP C 58 10.32 19.83 -12.08
CA ASP C 58 10.18 19.05 -13.31
C ASP C 58 9.02 19.55 -14.15
N LEU C 59 7.91 19.92 -13.49
CA LEU C 59 6.79 20.50 -14.22
C LEU C 59 7.23 21.73 -15.01
N ALA C 60 8.07 22.59 -14.40
CA ALA C 60 8.50 23.81 -15.08
C ALA C 60 9.54 23.53 -16.16
N GLU C 61 10.36 22.49 -16.00
CA GLU C 61 11.31 22.15 -17.06
C GLU C 61 10.58 21.57 -18.26
N VAL C 62 9.46 20.88 -18.05
CA VAL C 62 8.68 20.37 -19.18
C VAL C 62 8.01 21.53 -19.91
N GLY C 63 7.40 22.45 -19.15
CA GLY C 63 6.91 23.69 -19.75
C GLY C 63 7.92 24.37 -20.63
N ARG C 64 9.11 24.65 -20.08
CA ARG C 64 10.15 25.33 -20.85
C ARG C 64 10.56 24.53 -22.09
N LEU C 65 10.64 23.19 -21.95
CA LEU C 65 11.15 22.38 -23.06
C LEU C 65 10.09 22.09 -24.12
N ALA C 66 8.82 21.96 -23.72
CA ALA C 66 7.79 21.45 -24.61
C ALA C 66 6.64 22.40 -24.88
N GLY C 67 6.33 23.31 -23.96
CA GLY C 67 5.18 24.17 -24.10
C GLY C 67 3.95 23.71 -23.34
N VAL C 68 4.00 22.54 -22.70
CA VAL C 68 2.85 22.03 -21.97
C VAL C 68 2.39 23.08 -20.97
N THR C 69 1.17 23.56 -21.15
CA THR C 69 0.58 24.45 -20.17
C THR C 69 -0.17 23.69 -19.09
N GLN C 70 -0.79 22.56 -19.45
CA GLN C 70 -1.51 21.76 -18.48
C GLN C 70 -0.49 20.98 -17.67
N LEU C 71 -0.17 21.48 -16.48
CA LEU C 71 0.82 20.89 -15.57
C LEU C 71 0.20 20.81 -14.18
N ALA C 72 0.37 19.67 -13.51
CA ALA C 72 -0.30 19.41 -12.23
C ALA C 72 0.66 18.85 -11.20
N GLY C 73 0.75 19.51 -10.05
CA GLY C 73 1.54 19.03 -8.94
C GLY C 73 0.73 18.86 -7.66
N LEU C 74 1.41 18.37 -6.63
CA LEU C 74 0.83 18.25 -5.30
C LEU C 74 1.92 18.54 -4.27
N ALA C 75 2.62 17.51 -3.80
CA ALA C 75 3.57 17.68 -2.72
C ALA C 75 4.93 18.17 -3.25
N ARG C 76 5.49 19.17 -2.57
CA ARG C 76 6.79 19.71 -2.93
C ARG C 76 7.65 19.75 -1.69
N TYR C 77 8.94 19.43 -1.85
CA TYR C 77 9.88 19.37 -0.75
C TYR C 77 11.20 19.97 -1.17
N PRO C 78 11.93 20.63 -0.26
CA PRO C 78 13.17 21.29 -0.67
C PRO C 78 14.31 20.32 -0.91
N GLN C 79 14.49 19.32 -0.05
CA GLN C 79 15.72 18.53 -0.05
C GLN C 79 15.71 17.49 -1.17
N PRO C 80 16.80 17.37 -1.96
CA PRO C 80 16.91 16.28 -2.96
C PRO C 80 17.26 14.96 -2.30
N MET C 81 16.22 14.35 -1.71
CA MET C 81 16.26 13.05 -1.05
C MET C 81 15.11 12.22 -1.58
N ALA C 82 14.97 10.99 -1.09
CA ALA C 82 13.74 10.25 -1.39
C ALA C 82 12.57 10.99 -0.75
N PRO C 83 11.39 10.99 -1.39
CA PRO C 83 10.24 11.73 -0.83
C PRO C 83 10.00 11.51 0.67
N ALA C 84 9.92 10.26 1.12
CA ALA C 84 9.74 10.00 2.53
C ALA C 84 10.77 10.78 3.36
N ALA C 85 12.05 10.70 2.98
CA ALA C 85 13.09 11.43 3.70
C ALA C 85 12.93 12.93 3.53
N ALA C 86 12.56 13.38 2.33
CA ALA C 86 12.46 14.81 2.07
C ALA C 86 11.33 15.45 2.87
N ALA C 87 10.24 14.72 3.09
CA ALA C 87 9.14 15.24 3.91
C ALA C 87 9.51 15.25 5.38
N GLU C 88 10.01 14.12 5.90
CA GLU C 88 10.51 14.05 7.28
C GLU C 88 11.44 15.21 7.58
N HIS C 89 12.22 15.66 6.58
CA HIS C 89 13.19 16.72 6.82
C HIS C 89 12.52 18.09 6.86
N ALA C 90 11.47 18.28 6.08
CA ALA C 90 10.72 19.52 6.07
C ALA C 90 9.60 19.49 7.09
N GLY C 91 9.59 18.50 7.98
CA GLY C 91 8.53 18.36 8.96
C GLY C 91 7.14 18.24 8.37
N MET C 92 7.04 17.84 7.11
CA MET C 92 5.76 17.61 6.46
C MET C 92 5.45 16.11 6.42
N ALA C 93 4.33 15.78 5.79
CA ALA C 93 3.93 14.40 5.58
C ALA C 93 3.78 14.14 4.08
N LEU C 94 4.02 12.88 3.70
CA LEU C 94 3.74 12.46 2.34
C LEU C 94 2.24 12.57 2.08
N PRO C 95 1.83 12.76 0.82
CA PRO C 95 0.40 12.69 0.51
C PRO C 95 -0.18 11.33 0.87
N ALA C 96 -1.49 11.22 0.76
CA ALA C 96 -2.08 9.89 0.86
C ALA C 96 -2.27 9.31 -0.54
N ARG C 97 -2.46 7.98 -0.57
CA ARG C 97 -2.65 7.27 -1.84
C ARG C 97 -3.79 7.88 -2.65
N ASP C 98 -4.97 8.04 -2.02
CA ASP C 98 -6.14 8.54 -2.74
C ASP C 98 -5.94 9.96 -3.22
N GLN C 99 -5.20 10.77 -2.46
CA GLN C 99 -4.92 12.15 -2.83
C GLN C 99 -4.06 12.24 -4.09
N ILE C 100 -3.14 11.28 -4.29
CA ILE C 100 -2.39 11.22 -5.54
C ILE C 100 -3.28 10.77 -6.70
N VAL C 101 -3.99 9.64 -6.53
CA VAL C 101 -4.83 9.13 -7.60
C VAL C 101 -5.92 10.13 -7.97
N ARG C 102 -6.54 10.77 -6.96
CA ARG C 102 -7.53 11.80 -7.22
C ARG C 102 -6.96 12.89 -8.14
N LEU C 103 -5.75 13.37 -7.84
CA LEU C 103 -5.11 14.38 -8.66
C LEU C 103 -4.96 13.93 -10.11
N ILE C 104 -4.61 12.65 -10.31
CA ILE C 104 -4.42 12.14 -11.67
C ILE C 104 -5.76 11.93 -12.35
N ALA C 105 -6.74 11.37 -11.63
CA ALA C 105 -8.06 11.12 -12.20
C ALA C 105 -8.70 12.41 -12.69
N ASP C 106 -8.67 13.47 -11.88
CA ASP C 106 -9.24 14.75 -12.31
C ASP C 106 -8.57 15.27 -13.59
N LEU C 107 -7.26 15.06 -13.72
CA LEU C 107 -6.52 15.46 -14.91
C LEU C 107 -6.92 14.66 -16.14
N ASP C 108 -7.54 13.51 -15.96
CA ASP C 108 -7.80 12.56 -17.03
C ASP C 108 -9.09 12.96 -17.75
N ARG C 109 -8.99 13.23 -19.06
CA ARG C 109 -10.13 13.50 -19.92
C ARG C 109 -10.02 12.65 -21.17
N PRO C 110 -11.15 12.39 -21.84
CA PRO C 110 -11.08 11.79 -23.18
C PRO C 110 -10.14 12.56 -24.10
N GLY C 111 -9.58 11.86 -25.08
CA GLY C 111 -8.69 12.45 -26.06
C GLY C 111 -7.34 12.95 -25.54
N ARG C 112 -7.06 12.80 -24.24
CA ARG C 112 -5.89 13.41 -23.63
C ARG C 112 -4.88 12.36 -23.18
N LEU C 113 -3.64 12.48 -23.67
CA LEU C 113 -2.51 11.71 -23.17
C LEU C 113 -1.94 12.39 -21.92
N THR C 114 -2.12 11.75 -20.77
CA THR C 114 -1.62 12.26 -19.49
C THR C 114 -0.33 11.52 -19.13
N LEU C 115 0.77 12.26 -19.00
CA LEU C 115 2.06 11.74 -18.58
C LEU C 115 2.29 12.03 -17.11
N VAL C 116 2.56 10.99 -16.32
CA VAL C 116 2.79 11.09 -14.88
C VAL C 116 4.23 10.71 -14.58
N GLU C 117 4.89 11.48 -13.71
CA GLU C 117 6.29 11.22 -13.37
C GLU C 117 6.43 11.11 -11.85
N GLY C 118 6.78 9.91 -11.39
CA GLY C 118 7.04 9.65 -9.98
C GLY C 118 8.37 10.21 -9.55
N ALA C 119 8.91 9.72 -8.43
CA ALA C 119 10.17 10.20 -7.91
C ALA C 119 11.19 9.05 -7.92
N GLY C 120 12.30 9.25 -8.63
CA GLY C 120 13.29 8.19 -8.70
C GLY C 120 12.77 7.02 -9.51
N GLY C 121 12.96 5.80 -8.97
CA GLY C 121 12.60 4.57 -9.64
C GLY C 121 11.24 4.04 -9.22
N LEU C 122 10.85 2.94 -9.88
CA LEU C 122 9.47 2.46 -9.82
C LEU C 122 8.98 2.25 -8.39
N LEU C 123 9.82 1.66 -7.53
CA LEU C 123 9.33 1.24 -6.23
C LEU C 123 9.67 2.24 -5.12
N VAL C 124 9.97 3.48 -5.47
CA VAL C 124 10.20 4.50 -4.45
C VAL C 124 8.88 4.90 -3.83
N GLU C 125 8.85 5.03 -2.51
CA GLU C 125 7.62 5.35 -1.82
C GLU C 125 7.15 6.76 -2.17
N LEU C 126 5.85 6.88 -2.49
CA LEU C 126 5.25 8.18 -2.77
C LEU C 126 4.20 8.60 -1.76
N ALA C 127 3.51 7.64 -1.14
CA ALA C 127 2.53 7.92 -0.09
C ALA C 127 2.65 6.85 0.99
N GLU C 128 2.19 7.18 2.21
CA GLU C 128 2.21 6.17 3.26
C GLU C 128 1.02 5.23 3.12
N PRO C 129 1.15 3.96 3.57
CA PRO C 129 2.39 3.32 4.01
C PRO C 129 3.04 2.46 2.94
N GLY C 130 3.98 3.03 2.20
CA GLY C 130 4.73 2.27 1.22
C GLY C 130 4.05 2.17 -0.13
N VAL C 131 3.33 3.21 -0.52
CA VAL C 131 2.63 3.24 -1.79
C VAL C 131 3.58 3.75 -2.87
N THR C 132 3.73 2.99 -3.94
CA THR C 132 4.68 3.33 -4.98
C THR C 132 3.97 3.78 -6.24
N LEU C 133 4.76 4.28 -7.19
CA LEU C 133 4.24 4.62 -8.50
C LEU C 133 3.63 3.41 -9.19
N ARG C 134 4.01 2.20 -8.78
CA ARG C 134 3.38 1.03 -9.37
C ARG C 134 1.98 0.81 -8.80
N ASP C 135 1.80 1.04 -7.50
CA ASP C 135 0.47 0.95 -6.91
C ASP C 135 -0.46 2.01 -7.49
N VAL C 136 0.06 3.21 -7.72
CA VAL C 136 -0.70 4.26 -8.40
C VAL C 136 -1.11 3.79 -9.78
N ALA C 137 -0.16 3.20 -10.53
CA ALA C 137 -0.45 2.75 -11.89
C ALA C 137 -1.55 1.70 -11.89
N VAL C 138 -1.68 0.92 -10.81
CA VAL C 138 -2.73 -0.09 -10.74
C VAL C 138 -4.10 0.56 -10.54
N ASP C 139 -4.18 1.56 -9.65
CA ASP C 139 -5.47 2.18 -9.31
C ASP C 139 -6.03 2.97 -10.49
N VAL C 140 -5.18 3.63 -11.26
CA VAL C 140 -5.63 4.42 -12.39
C VAL C 140 -5.52 3.65 -13.69
N ALA C 141 -5.18 2.36 -13.62
CA ALA C 141 -5.06 1.48 -14.78
C ALA C 141 -4.20 2.10 -15.88
N ALA C 142 -2.96 2.41 -15.52
CA ALA C 142 -2.02 3.05 -16.44
C ALA C 142 -0.95 2.06 -16.91
N ALA C 143 -0.53 2.19 -18.16
CA ALA C 143 0.68 1.52 -18.61
C ALA C 143 1.91 2.29 -18.13
N ALA C 144 3.08 1.69 -18.29
CA ALA C 144 4.32 2.28 -17.79
C ALA C 144 5.34 2.36 -18.91
N LEU C 145 5.82 3.57 -19.18
CA LEU C 145 6.98 3.78 -20.05
C LEU C 145 8.22 3.86 -19.17
N VAL C 146 9.21 3.01 -19.43
CA VAL C 146 10.37 2.84 -18.57
C VAL C 146 11.56 3.56 -19.21
N VAL C 147 12.09 4.55 -18.50
CA VAL C 147 13.29 5.26 -18.92
C VAL C 147 14.52 4.54 -18.34
N VAL C 148 15.47 4.20 -19.21
CA VAL C 148 16.66 3.44 -18.86
C VAL C 148 17.88 4.19 -19.40
N THR C 149 19.07 3.73 -18.99
CA THR C 149 20.32 4.19 -19.60
C THR C 149 20.84 3.14 -20.57
N ALA C 150 21.88 3.53 -21.31
CA ALA C 150 22.70 2.62 -22.09
C ALA C 150 24.02 2.31 -21.40
N ASP C 151 24.15 2.68 -20.12
CA ASP C 151 25.39 2.55 -19.38
C ASP C 151 25.42 1.28 -18.56
N LEU C 152 26.58 1.04 -17.96
CA LEU C 152 26.82 -0.09 -17.08
C LEU C 152 25.72 -0.24 -16.04
N GLY C 153 25.18 -1.45 -15.94
CA GLY C 153 24.11 -1.75 -15.02
C GLY C 153 22.72 -1.62 -15.58
N THR C 154 22.56 -1.14 -16.82
CA THR C 154 21.22 -0.92 -17.33
C THR C 154 20.43 -2.23 -17.43
N LEU C 155 21.06 -3.29 -17.95
CA LEU C 155 20.32 -4.53 -18.20
C LEU C 155 19.70 -5.06 -16.92
N ASN C 156 20.49 -5.11 -15.84
CA ASN C 156 20.01 -5.66 -14.58
C ASN C 156 18.87 -4.83 -14.00
N HIS C 157 19.03 -3.50 -14.04
CA HIS C 157 18.02 -2.61 -13.49
C HIS C 157 16.76 -2.64 -14.31
N THR C 158 16.88 -2.67 -15.63
CA THR C 158 15.71 -2.71 -16.50
C THR C 158 14.93 -4.00 -16.28
N LYS C 159 15.63 -5.14 -16.21
CA LYS C 159 14.98 -6.42 -15.97
C LYS C 159 14.27 -6.44 -14.62
N LEU C 160 14.99 -6.10 -13.55
CA LEU C 160 14.37 -5.95 -12.23
C LEU C 160 13.16 -5.01 -12.28
N THR C 161 13.23 -3.96 -13.09
CA THR C 161 12.10 -3.05 -13.15
C THR C 161 10.97 -3.60 -14.00
N LEU C 162 11.29 -4.20 -15.13
CA LEU C 162 10.25 -4.82 -15.94
C LEU C 162 9.57 -5.95 -15.18
N GLU C 163 10.27 -6.62 -14.27
CA GLU C 163 9.64 -7.72 -13.55
C GLU C 163 8.60 -7.21 -12.57
N ALA C 164 8.94 -6.20 -11.77
CA ALA C 164 8.03 -5.68 -10.77
C ALA C 164 6.76 -5.13 -11.41
N LEU C 165 6.88 -4.58 -12.63
CA LEU C 165 5.73 -4.16 -13.41
C LEU C 165 4.80 -5.35 -13.68
N ALA C 166 5.36 -6.43 -14.25
CA ALA C 166 4.53 -7.58 -14.61
C ALA C 166 3.95 -8.26 -13.37
N ALA C 167 4.65 -8.21 -12.24
CA ALA C 167 4.15 -8.84 -11.02
C ALA C 167 2.80 -8.27 -10.59
N GLN C 168 2.52 -6.99 -10.87
CA GLN C 168 1.20 -6.41 -10.62
C GLN C 168 0.45 -6.13 -11.92
N GLN C 169 0.78 -6.84 -13.00
CA GLN C 169 0.03 -6.77 -14.26
C GLN C 169 -0.08 -5.33 -14.77
N VAL C 170 0.98 -4.55 -14.58
CA VAL C 170 1.08 -3.22 -15.18
C VAL C 170 1.76 -3.36 -16.54
N SER C 171 1.03 -3.03 -17.60
CA SER C 171 1.59 -3.15 -18.95
C SER C 171 2.81 -2.26 -19.12
N CYS C 172 3.80 -2.75 -19.86
CA CYS C 172 5.00 -2.00 -20.20
C CYS C 172 4.83 -1.43 -21.61
N ALA C 173 4.74 -0.11 -21.69
CA ALA C 173 4.51 0.61 -22.95
C ALA C 173 5.78 0.80 -23.77
N GLY C 174 6.95 0.41 -23.26
CA GLY C 174 8.19 0.53 -24.00
C GLY C 174 9.33 1.06 -23.15
N LEU C 175 10.51 1.23 -23.76
CA LEU C 175 11.67 1.82 -23.11
C LEU C 175 12.05 3.12 -23.79
N VAL C 176 12.61 4.05 -23.01
CA VAL C 176 13.28 5.21 -23.57
C VAL C 176 14.68 5.29 -22.96
N ILE C 177 15.70 5.24 -23.81
CA ILE C 177 17.05 5.61 -23.42
C ILE C 177 17.09 7.12 -23.22
N GLY C 178 17.42 7.56 -22.01
CA GLY C 178 17.36 8.98 -21.68
C GLY C 178 18.46 9.83 -22.29
N SER C 179 19.58 9.24 -22.65
CA SER C 179 20.71 9.98 -23.20
C SER C 179 21.52 9.01 -24.05
N TRP C 180 21.48 9.21 -25.36
CA TRP C 180 22.21 8.37 -26.30
C TRP C 180 23.42 9.13 -26.81
N PRO C 181 24.63 8.58 -26.68
CA PRO C 181 25.84 9.31 -27.04
C PRO C 181 26.15 9.25 -28.53
N ASP C 182 26.65 10.36 -29.06
CA ASP C 182 27.13 10.43 -30.42
C ASP C 182 28.64 10.62 -30.40
N PRO C 183 29.44 9.62 -30.80
CA PRO C 183 29.00 8.28 -31.21
C PRO C 183 28.91 7.37 -29.99
N PRO C 184 28.27 6.21 -30.12
CA PRO C 184 28.24 5.27 -29.01
C PRO C 184 29.51 4.44 -28.95
N GLY C 185 29.87 4.05 -27.74
CA GLY C 185 31.00 3.16 -27.52
C GLY C 185 30.58 1.70 -27.58
N LEU C 186 31.51 0.83 -27.20
CA LEU C 186 31.23 -0.59 -27.20
C LEU C 186 30.17 -0.95 -26.16
N VAL C 187 30.20 -0.30 -25.00
CA VAL C 187 29.21 -0.61 -23.97
C VAL C 187 27.83 -0.05 -24.34
N ALA C 188 27.80 1.15 -24.93
CA ALA C 188 26.52 1.75 -25.30
C ALA C 188 25.80 0.92 -26.36
N ALA C 189 26.51 0.54 -27.42
CA ALA C 189 25.92 -0.26 -28.49
C ALA C 189 25.50 -1.63 -27.99
N SER C 190 26.41 -2.33 -27.28
CA SER C 190 26.10 -3.64 -26.75
C SER C 190 24.84 -3.62 -25.88
N ASN C 191 24.74 -2.62 -24.99
CA ASN C 191 23.58 -2.55 -24.11
C ASN C 191 22.30 -2.31 -24.91
N ARG C 192 22.38 -1.49 -25.96
CA ARG C 192 21.18 -1.19 -26.73
C ARG C 192 20.66 -2.43 -27.45
N SER C 193 21.57 -3.22 -28.03
CA SER C 193 21.13 -4.43 -28.69
C SER C 193 20.51 -5.40 -27.69
N ALA C 194 21.00 -5.40 -26.46
CA ALA C 194 20.45 -6.27 -25.44
C ALA C 194 19.11 -5.73 -24.95
N LEU C 195 18.96 -4.41 -24.84
CA LEU C 195 17.66 -3.85 -24.50
C LEU C 195 16.67 -4.01 -25.65
N ALA C 196 17.12 -3.76 -26.87
CA ALA C 196 16.31 -4.06 -28.05
C ALA C 196 15.68 -5.43 -27.97
N ARG C 197 16.39 -6.41 -27.40
CA ARG C 197 15.89 -7.77 -27.30
C ARG C 197 14.93 -7.96 -26.15
N ILE C 198 14.99 -7.12 -25.12
CA ILE C 198 14.07 -7.25 -24.00
C ILE C 198 12.70 -6.70 -24.35
N ALA C 199 12.65 -5.52 -24.96
CA ALA C 199 11.39 -4.78 -25.10
C ALA C 199 11.51 -3.80 -26.27
N MET C 200 10.45 -3.03 -26.47
CA MET C 200 10.41 -2.06 -27.56
C MET C 200 11.16 -0.79 -27.15
N VAL C 201 12.06 -0.33 -28.01
CA VAL C 201 12.82 0.89 -27.75
C VAL C 201 12.08 2.04 -28.44
N ARG C 202 11.28 2.77 -27.67
CA ARG C 202 10.50 3.85 -28.24
C ARG C 202 11.38 4.95 -28.80
N ALA C 203 12.39 5.38 -28.03
CA ALA C 203 13.29 6.43 -28.50
C ALA C 203 14.63 6.32 -27.78
N ALA C 204 15.62 7.01 -28.33
CA ALA C 204 16.93 7.19 -27.71
C ALA C 204 17.30 8.68 -27.84
N LEU C 205 16.97 9.46 -26.83
CA LEU C 205 17.21 10.90 -26.88
C LEU C 205 18.70 11.17 -27.01
N PRO C 206 19.12 12.05 -27.89
CA PRO C 206 20.54 12.41 -27.94
C PRO C 206 20.98 13.02 -26.62
N ALA C 207 22.25 12.78 -26.28
CA ALA C 207 22.82 13.37 -25.07
C ALA C 207 22.83 14.89 -25.18
N GLY C 208 22.49 15.55 -24.07
CA GLY C 208 22.44 17.00 -24.03
C GLY C 208 21.14 17.61 -24.49
N ALA C 209 20.12 16.79 -24.77
CA ALA C 209 18.89 17.31 -25.35
C ALA C 209 18.16 18.26 -24.41
N ALA C 210 18.45 18.23 -23.11
CA ALA C 210 17.75 19.10 -22.16
C ALA C 210 18.19 20.55 -22.28
N SER C 211 19.34 20.81 -22.91
CA SER C 211 19.86 22.17 -23.05
C SER C 211 19.52 22.78 -24.41
N LEU C 212 18.57 22.21 -25.13
CA LEU C 212 18.26 22.63 -26.49
C LEU C 212 17.22 23.75 -26.50
N ASP C 213 17.37 24.65 -27.46
CA ASP C 213 16.35 25.66 -27.72
C ASP C 213 15.01 24.99 -28.03
N ALA C 214 13.93 25.76 -27.87
CA ALA C 214 12.60 25.24 -28.14
C ALA C 214 12.50 24.70 -29.55
N GLY C 215 13.13 25.38 -30.51
CA GLY C 215 13.05 24.94 -31.89
C GLY C 215 13.68 23.57 -32.10
N ASP C 216 14.93 23.42 -31.65
CA ASP C 216 15.64 22.15 -31.86
C ASP C 216 15.05 21.04 -31.00
N PHE C 217 14.53 21.36 -29.81
CA PHE C 217 13.96 20.33 -28.96
C PHE C 217 12.66 19.77 -29.53
N ALA C 218 11.89 20.59 -30.24
CA ALA C 218 10.66 20.11 -30.86
C ALA C 218 10.95 19.32 -32.14
N ALA C 219 12.03 19.64 -32.84
CA ALA C 219 12.44 18.84 -33.99
C ALA C 219 13.10 17.54 -33.54
N MET C 220 13.89 17.61 -32.47
CA MET C 220 14.43 16.39 -31.88
C MET C 220 13.30 15.46 -31.46
N SER C 221 12.27 16.01 -30.83
CA SER C 221 11.18 15.20 -30.30
C SER C 221 10.36 14.53 -31.40
N ALA C 222 10.30 15.15 -32.58
CA ALA C 222 9.53 14.58 -33.67
C ALA C 222 10.26 13.42 -34.33
N ALA C 223 11.59 13.52 -34.43
CA ALA C 223 12.41 12.48 -35.04
C ALA C 223 12.70 11.31 -34.11
N ALA C 224 12.37 11.43 -32.82
CA ALA C 224 12.76 10.47 -31.79
C ALA C 224 11.76 9.34 -31.60
N PHE C 225 10.47 9.66 -31.58
CA PHE C 225 9.43 8.64 -31.47
C PHE C 225 8.88 8.28 -32.86
N ASP C 226 8.02 7.27 -32.88
CA ASP C 226 7.40 6.81 -34.12
C ASP C 226 5.98 7.40 -34.19
N ARG C 227 5.70 8.14 -35.26
CA ARG C 227 4.49 8.95 -35.35
C ARG C 227 3.24 8.12 -35.14
N ASN C 228 3.18 6.92 -35.71
CA ASN C 228 2.00 6.09 -35.56
C ASN C 228 1.86 5.56 -34.13
N TRP C 229 2.98 5.41 -33.41
CA TRP C 229 2.91 4.99 -32.02
C TRP C 229 2.40 6.12 -31.13
N VAL C 230 2.82 7.37 -31.40
CA VAL C 230 2.30 8.51 -30.66
C VAL C 230 0.79 8.63 -30.85
N ALA C 231 0.33 8.65 -32.10
CA ALA C 231 -1.11 8.71 -32.37
C ALA C 231 -1.82 7.51 -31.76
N GLY C 232 -1.29 6.30 -31.95
CA GLY C 232 -1.85 5.10 -31.37
C GLY C 232 -2.10 5.19 -29.88
N LEU C 233 -1.35 6.04 -29.16
CA LEU C 233 -1.46 6.09 -27.71
C LEU C 233 -2.84 6.59 -27.27
N VAL C 234 -3.43 7.51 -28.04
CA VAL C 234 -4.78 7.96 -27.78
C VAL C 234 -5.75 7.53 -28.88
N GLY C 235 -5.30 7.48 -30.13
CA GLY C 235 -6.14 7.07 -31.24
C GLY C 235 -7.20 8.06 -31.66
N HIS D 8 24.16 -35.21 3.21
CA HIS D 8 24.48 -34.03 4.00
C HIS D 8 24.99 -32.90 3.10
N GLY D 9 25.41 -31.81 3.73
CA GLY D 9 25.98 -30.69 2.99
C GLY D 9 26.36 -29.56 3.93
N GLY D 10 27.00 -28.55 3.35
CA GLY D 10 27.34 -27.33 4.03
C GLY D 10 26.30 -26.26 3.79
N THR D 11 26.72 -25.00 3.86
CA THR D 11 25.83 -23.88 3.60
C THR D 11 26.33 -23.11 2.38
N ILE D 12 25.51 -23.06 1.35
CA ILE D 12 25.81 -22.29 0.15
C ILE D 12 25.09 -20.96 0.22
N LEU D 13 25.82 -19.88 0.03
CA LEU D 13 25.34 -18.51 0.12
C LEU D 13 25.76 -17.77 -1.14
N VAL D 14 24.79 -17.25 -1.89
CA VAL D 14 25.12 -16.32 -2.96
C VAL D 14 25.16 -14.90 -2.37
N VAL D 15 26.15 -14.14 -2.80
CA VAL D 15 26.31 -12.76 -2.39
C VAL D 15 26.04 -11.91 -3.62
N THR D 16 24.82 -11.42 -3.74
CA THR D 16 24.43 -10.59 -4.86
C THR D 16 24.38 -9.11 -4.41
N GLY D 17 23.78 -8.28 -5.24
CA GLY D 17 23.86 -6.85 -4.98
C GLY D 17 22.88 -6.12 -5.85
N THR D 18 22.67 -4.85 -5.51
CA THR D 18 21.76 -4.01 -6.27
C THR D 18 22.33 -3.59 -7.61
N GLY D 19 23.60 -3.89 -7.86
CA GLY D 19 24.24 -3.52 -9.11
C GLY D 19 25.74 -3.73 -8.98
N THR D 20 26.45 -3.28 -10.03
CA THR D 20 27.90 -3.37 -10.05
C THR D 20 28.52 -2.47 -8.98
N GLY D 21 29.67 -2.90 -8.47
CA GLY D 21 30.50 -2.03 -7.65
C GLY D 21 29.84 -1.54 -6.39
N VAL D 22 29.02 -2.38 -5.77
CA VAL D 22 28.39 -2.06 -4.51
C VAL D 22 29.16 -2.60 -3.34
N GLY D 23 30.23 -3.34 -3.59
CA GLY D 23 31.07 -3.93 -2.57
C GLY D 23 30.88 -5.41 -2.34
N LYS D 24 30.36 -6.15 -3.34
CA LYS D 24 30.09 -7.57 -3.13
C LYS D 24 31.34 -8.30 -2.71
N THR D 25 32.43 -8.10 -3.47
CA THR D 25 33.68 -8.79 -3.19
C THR D 25 34.16 -8.50 -1.79
N VAL D 26 34.19 -7.21 -1.41
CA VAL D 26 34.72 -6.87 -0.09
C VAL D 26 33.82 -7.43 1.02
N VAL D 27 32.52 -7.58 0.77
CA VAL D 27 31.64 -8.23 1.73
C VAL D 27 31.88 -9.73 1.79
N CYS D 28 32.11 -10.36 0.62
CA CYS D 28 32.54 -11.76 0.61
C CYS D 28 33.77 -11.96 1.49
N ALA D 29 34.80 -11.11 1.28
CA ALA D 29 36.01 -11.19 2.10
C ALA D 29 35.71 -10.97 3.57
N ALA D 30 34.89 -9.96 3.89
CA ALA D 30 34.60 -9.66 5.28
C ALA D 30 33.82 -10.78 5.93
N LEU D 31 32.86 -11.37 5.21
CA LEU D 31 32.11 -12.48 5.77
C LEU D 31 32.99 -13.72 5.93
N ALA D 32 33.88 -13.95 4.98
CA ALA D 32 34.78 -15.10 5.05
C ALA D 32 35.72 -14.97 6.23
N SER D 33 36.36 -13.80 6.35
CA SER D 33 37.26 -13.52 7.47
C SER D 33 36.54 -13.66 8.81
N ALA D 34 35.27 -13.24 8.87
CA ALA D 34 34.51 -13.36 10.10
C ALA D 34 34.21 -14.81 10.42
N ALA D 35 33.75 -15.56 9.43
CA ALA D 35 33.52 -16.98 9.63
C ALA D 35 34.82 -17.70 9.99
N ARG D 36 35.91 -17.43 9.25
CA ARG D 36 37.18 -18.10 9.53
C ARG D 36 37.63 -17.87 10.97
N GLN D 37 37.37 -16.71 11.53
CA GLN D 37 37.69 -16.45 12.93
C GLN D 37 36.73 -17.13 13.89
N ALA D 38 35.59 -17.59 13.40
CA ALA D 38 34.64 -18.34 14.23
C ALA D 38 34.93 -19.84 14.25
N GLY D 39 35.97 -20.29 13.56
CA GLY D 39 36.22 -21.71 13.40
C GLY D 39 35.58 -22.36 12.20
N ILE D 40 34.96 -21.58 11.30
CA ILE D 40 34.22 -22.13 10.16
C ILE D 40 35.16 -22.21 8.97
N ASP D 41 35.07 -23.32 8.22
CA ASP D 41 35.79 -23.50 6.97
C ASP D 41 35.01 -22.81 5.86
N VAL D 42 35.73 -22.10 4.97
CA VAL D 42 35.13 -21.19 4.00
C VAL D 42 35.72 -21.42 2.62
N ALA D 43 34.86 -21.52 1.61
CA ALA D 43 35.27 -21.38 0.21
C ALA D 43 34.54 -20.21 -0.42
N VAL D 44 35.18 -19.58 -1.39
CA VAL D 44 34.55 -18.52 -2.19
C VAL D 44 34.70 -18.90 -3.66
N CYS D 45 33.60 -18.80 -4.41
CA CYS D 45 33.54 -19.19 -5.81
C CYS D 45 33.08 -17.99 -6.64
N LYS D 46 33.88 -17.62 -7.63
CA LYS D 46 33.56 -16.55 -8.58
C LYS D 46 33.66 -17.16 -9.97
N PRO D 47 32.59 -17.74 -10.49
CA PRO D 47 32.70 -18.51 -11.74
C PRO D 47 33.16 -17.70 -12.94
N VAL D 48 32.84 -16.40 -13.02
CA VAL D 48 33.21 -15.59 -14.17
C VAL D 48 33.81 -14.27 -13.69
N GLN D 49 35.02 -13.96 -14.18
CA GLN D 49 35.74 -12.73 -13.84
C GLN D 49 36.04 -11.96 -15.12
N THR D 50 35.56 -10.73 -15.22
CA THR D 50 35.85 -9.89 -16.39
C THR D 50 36.95 -8.88 -16.01
N GLY D 51 37.37 -8.07 -16.98
CA GLY D 51 38.37 -7.06 -16.72
C GLY D 51 39.73 -7.60 -16.29
N THR D 52 40.11 -8.79 -16.76
CA THR D 52 41.39 -9.34 -16.33
C THR D 52 42.58 -8.60 -16.93
N ALA D 53 42.40 -7.90 -18.05
CA ALA D 53 43.51 -7.18 -18.67
C ALA D 53 43.90 -5.95 -17.86
N ARG D 54 42.92 -5.29 -17.24
CA ARG D 54 43.24 -4.22 -16.30
C ARG D 54 43.47 -4.75 -14.89
N GLY D 55 43.62 -6.06 -14.73
CA GLY D 55 44.04 -6.65 -13.48
C GLY D 55 42.95 -6.97 -12.47
N ASP D 56 41.67 -6.97 -12.87
CA ASP D 56 40.60 -7.30 -11.94
C ASP D 56 40.65 -8.76 -11.54
N ASP D 57 40.62 -9.01 -10.23
CA ASP D 57 40.74 -10.37 -9.71
C ASP D 57 40.01 -10.38 -8.35
N ASP D 58 38.73 -10.73 -8.39
CA ASP D 58 37.93 -10.68 -7.17
C ASP D 58 38.32 -11.77 -6.18
N LEU D 59 38.72 -12.95 -6.66
CA LEU D 59 39.18 -13.98 -5.73
C LEU D 59 40.48 -13.57 -5.04
N ALA D 60 41.37 -12.89 -5.76
CA ALA D 60 42.60 -12.43 -5.13
C ALA D 60 42.29 -11.46 -3.99
N GLU D 61 41.32 -10.59 -4.18
CA GLU D 61 40.98 -9.68 -3.10
C GLU D 61 40.45 -10.45 -1.90
N VAL D 62 39.72 -11.54 -2.16
CA VAL D 62 39.26 -12.38 -1.07
C VAL D 62 40.44 -13.08 -0.41
N GLY D 63 41.33 -13.67 -1.22
CA GLY D 63 42.52 -14.31 -0.68
C GLY D 63 43.37 -13.37 0.16
N ARG D 64 43.59 -12.15 -0.35
CA ARG D 64 44.49 -11.20 0.32
C ARG D 64 43.89 -10.63 1.60
N LEU D 65 42.60 -10.25 1.55
CA LEU D 65 41.99 -9.56 2.68
C LEU D 65 41.54 -10.50 3.79
N ALA D 66 41.13 -11.72 3.44
CA ALA D 66 40.56 -12.63 4.41
C ALA D 66 41.35 -13.92 4.59
N GLY D 67 42.32 -14.19 3.73
CA GLY D 67 43.16 -15.37 3.89
C GLY D 67 42.54 -16.67 3.43
N VAL D 68 41.43 -16.62 2.69
CA VAL D 68 40.81 -17.82 2.17
C VAL D 68 41.72 -18.47 1.14
N THR D 69 41.82 -19.81 1.17
CA THR D 69 42.58 -20.54 0.15
C THR D 69 41.73 -21.25 -0.89
N GLN D 70 40.54 -21.74 -0.54
CA GLN D 70 39.71 -22.44 -1.53
C GLN D 70 38.97 -21.39 -2.33
N LEU D 71 39.55 -21.01 -3.47
CA LEU D 71 39.10 -19.89 -4.28
C LEU D 71 38.95 -20.40 -5.70
N ALA D 72 37.70 -20.51 -6.17
CA ALA D 72 37.39 -21.27 -7.39
C ALA D 72 36.74 -20.41 -8.47
N GLY D 73 37.22 -20.58 -9.69
CA GLY D 73 36.65 -19.87 -10.82
C GLY D 73 36.67 -20.74 -12.05
N LEU D 74 35.88 -20.35 -13.05
CA LEU D 74 35.73 -21.09 -14.30
C LEU D 74 36.20 -20.35 -15.54
N ALA D 75 36.09 -19.03 -15.59
CA ALA D 75 36.28 -18.29 -16.84
C ALA D 75 36.80 -16.89 -16.56
N ARG D 76 37.60 -16.37 -17.48
CA ARG D 76 38.24 -15.07 -17.28
C ARG D 76 38.22 -14.32 -18.60
N TYR D 77 37.60 -13.14 -18.60
CA TYR D 77 37.52 -12.37 -19.83
C TYR D 77 38.28 -11.07 -19.69
N PRO D 78 39.02 -10.66 -20.73
CA PRO D 78 39.90 -9.49 -20.57
C PRO D 78 39.16 -8.18 -20.44
N GLN D 79 38.04 -7.99 -21.16
CA GLN D 79 37.37 -6.69 -21.23
C GLN D 79 36.59 -6.40 -19.96
N PRO D 80 36.56 -5.13 -19.55
CA PRO D 80 35.80 -4.73 -18.35
C PRO D 80 34.32 -4.46 -18.66
N MET D 81 33.63 -5.49 -19.12
CA MET D 81 32.23 -5.41 -19.54
C MET D 81 31.41 -6.41 -18.76
N ALA D 82 30.10 -6.38 -19.00
CA ALA D 82 29.26 -7.44 -18.49
C ALA D 82 29.79 -8.77 -19.00
N PRO D 83 29.73 -9.84 -18.18
CA PRO D 83 30.25 -11.14 -18.64
C PRO D 83 29.83 -11.51 -20.05
N ALA D 84 28.53 -11.38 -20.35
CA ALA D 84 28.03 -11.82 -21.64
C ALA D 84 28.65 -10.99 -22.78
N ALA D 85 28.73 -9.67 -22.59
CA ALA D 85 29.34 -8.79 -23.57
C ALA D 85 30.85 -9.03 -23.64
N ALA D 86 31.52 -9.12 -22.49
CA ALA D 86 32.94 -9.46 -22.44
C ALA D 86 33.24 -10.75 -23.20
N ALA D 87 32.33 -11.73 -23.10
CA ALA D 87 32.53 -12.98 -23.82
C ALA D 87 32.30 -12.78 -25.32
N GLU D 88 31.27 -12.01 -25.69
CA GLU D 88 31.05 -11.69 -27.10
C GLU D 88 32.24 -10.95 -27.71
N HIS D 89 32.78 -9.95 -27.00
CA HIS D 89 33.95 -9.23 -27.51
C HIS D 89 35.06 -10.19 -27.92
N ALA D 90 35.30 -11.21 -27.09
CA ALA D 90 36.40 -12.15 -27.28
C ALA D 90 36.08 -13.28 -28.25
N GLY D 91 34.82 -13.41 -28.68
CA GLY D 91 34.46 -14.47 -29.60
C GLY D 91 34.27 -15.83 -28.95
N MET D 92 34.16 -15.86 -27.63
CA MET D 92 34.04 -17.08 -26.87
C MET D 92 32.84 -16.96 -25.94
N ALA D 93 32.22 -18.11 -25.66
CA ALA D 93 30.98 -18.14 -24.91
C ALA D 93 31.25 -18.28 -23.42
N LEU D 94 30.23 -17.92 -22.63
CA LEU D 94 30.25 -18.10 -21.19
C LEU D 94 30.28 -19.58 -20.83
N PRO D 95 30.62 -19.92 -19.59
CA PRO D 95 30.54 -21.32 -19.16
C PRO D 95 29.11 -21.83 -19.26
N ALA D 96 28.95 -23.14 -19.19
CA ALA D 96 27.62 -23.74 -19.19
C ALA D 96 27.02 -23.70 -17.79
N ARG D 97 25.68 -23.59 -17.75
CA ARG D 97 24.88 -23.80 -16.55
C ARG D 97 25.40 -24.98 -15.73
N ASP D 98 25.41 -26.15 -16.39
CA ASP D 98 26.21 -27.32 -16.10
C ASP D 98 27.40 -27.01 -15.18
N GLN D 99 28.34 -26.21 -15.70
CA GLN D 99 29.62 -26.02 -15.00
C GLN D 99 29.43 -25.26 -13.70
N ILE D 100 28.64 -24.19 -13.71
CA ILE D 100 28.55 -23.35 -12.52
C ILE D 100 27.95 -24.13 -11.35
N VAL D 101 26.80 -24.78 -11.57
CA VAL D 101 26.11 -25.39 -10.43
C VAL D 101 26.88 -26.61 -9.91
N ARG D 102 27.62 -27.31 -10.80
CA ARG D 102 28.42 -28.43 -10.34
C ARG D 102 29.65 -27.98 -9.56
N LEU D 103 30.32 -26.92 -10.03
CA LEU D 103 31.46 -26.41 -9.28
C LEU D 103 31.05 -26.04 -7.86
N ILE D 104 29.87 -25.43 -7.71
CA ILE D 104 29.39 -24.98 -6.40
C ILE D 104 29.04 -26.19 -5.53
N ALA D 105 28.33 -27.17 -6.10
CA ALA D 105 27.98 -28.36 -5.36
C ALA D 105 29.24 -29.14 -4.93
N ASP D 106 30.25 -29.20 -5.81
CA ASP D 106 31.47 -29.93 -5.48
C ASP D 106 32.26 -29.24 -4.36
N LEU D 107 32.28 -27.89 -4.36
CA LEU D 107 32.90 -27.17 -3.27
C LEU D 107 32.17 -27.39 -1.97
N ASP D 108 30.85 -27.56 -2.06
CA ASP D 108 30.00 -27.66 -0.89
C ASP D 108 30.32 -28.93 -0.11
N ARG D 109 30.48 -28.78 1.21
CA ARG D 109 30.77 -29.92 2.07
C ARG D 109 30.34 -29.56 3.48
N PRO D 110 30.00 -30.56 4.31
CA PRO D 110 29.50 -30.26 5.66
C PRO D 110 30.53 -29.48 6.46
N GLY D 111 30.04 -28.50 7.22
CA GLY D 111 30.89 -27.68 8.04
C GLY D 111 31.46 -26.45 7.36
N ARG D 112 31.27 -26.31 6.04
CA ARG D 112 31.88 -25.25 5.25
C ARG D 112 30.83 -24.24 4.80
N LEU D 113 31.20 -22.97 4.87
CA LEU D 113 30.42 -21.89 4.26
C LEU D 113 30.95 -21.63 2.85
N THR D 114 30.11 -21.80 1.84
CA THR D 114 30.51 -21.59 0.45
C THR D 114 29.81 -20.33 -0.07
N LEU D 115 30.59 -19.29 -0.37
CA LEU D 115 30.06 -18.03 -0.88
C LEU D 115 30.26 -17.95 -2.37
N VAL D 116 29.25 -17.46 -3.09
CA VAL D 116 29.24 -17.43 -4.56
C VAL D 116 29.01 -16.00 -5.03
N GLU D 117 30.02 -15.42 -5.70
CA GLU D 117 29.87 -14.08 -6.26
C GLU D 117 29.64 -14.22 -7.76
N GLY D 118 28.54 -13.67 -8.24
CA GLY D 118 28.37 -13.51 -9.67
C GLY D 118 29.11 -12.26 -10.15
N ALA D 119 28.44 -11.47 -11.00
CA ALA D 119 28.98 -10.20 -11.44
C ALA D 119 27.84 -9.19 -11.48
N GLY D 120 28.05 -8.03 -10.87
CA GLY D 120 27.02 -7.01 -10.86
C GLY D 120 25.77 -7.43 -10.08
N GLY D 121 24.61 -7.06 -10.65
CA GLY D 121 23.34 -7.27 -10.00
C GLY D 121 22.80 -8.67 -10.19
N LEU D 122 21.66 -8.92 -9.54
CA LEU D 122 21.09 -10.26 -9.42
C LEU D 122 20.76 -10.89 -10.78
N LEU D 123 20.46 -10.09 -11.79
CA LEU D 123 19.98 -10.64 -13.05
C LEU D 123 21.00 -10.56 -14.18
N VAL D 124 22.26 -10.27 -13.87
CA VAL D 124 23.31 -10.37 -14.89
C VAL D 124 23.43 -11.81 -15.38
N GLU D 125 23.62 -11.97 -16.68
CA GLU D 125 23.84 -13.29 -17.26
C GLU D 125 25.22 -13.83 -16.86
N LEU D 126 25.27 -15.10 -16.44
CA LEU D 126 26.53 -15.72 -15.98
C LEU D 126 26.93 -16.98 -16.72
N ALA D 127 26.04 -17.61 -17.49
CA ALA D 127 26.39 -18.87 -18.14
C ALA D 127 25.56 -18.98 -19.41
N GLU D 128 25.61 -20.13 -20.07
CA GLU D 128 24.86 -20.14 -21.32
C GLU D 128 23.46 -20.70 -21.11
N PRO D 129 22.53 -20.44 -22.06
CA PRO D 129 21.13 -20.13 -21.74
C PRO D 129 20.83 -19.23 -20.54
N GLY D 130 21.08 -17.92 -20.68
CA GLY D 130 20.54 -16.90 -19.78
C GLY D 130 20.58 -17.12 -18.27
N VAL D 131 21.55 -17.91 -17.79
CA VAL D 131 21.61 -18.25 -16.38
C VAL D 131 21.99 -17.02 -15.57
N THR D 132 21.16 -16.70 -14.58
CA THR D 132 21.46 -15.67 -13.59
C THR D 132 21.87 -16.30 -12.27
N LEU D 133 22.45 -15.45 -11.42
CA LEU D 133 22.75 -15.88 -10.06
C LEU D 133 21.51 -16.26 -9.27
N ARG D 134 20.33 -15.79 -9.68
CA ARG D 134 19.10 -16.27 -9.08
C ARG D 134 18.82 -17.72 -9.49
N ASP D 135 18.94 -18.05 -10.79
CA ASP D 135 18.80 -19.44 -11.22
C ASP D 135 19.77 -20.35 -10.47
N VAL D 136 21.03 -19.91 -10.33
CA VAL D 136 22.00 -20.72 -9.61
C VAL D 136 21.56 -20.90 -8.17
N ALA D 137 21.08 -19.82 -7.54
CA ALA D 137 20.70 -19.90 -6.13
C ALA D 137 19.56 -20.88 -5.93
N VAL D 138 18.58 -20.89 -6.84
CA VAL D 138 17.47 -21.84 -6.72
C VAL D 138 17.96 -23.25 -7.00
N ASP D 139 18.87 -23.40 -7.94
CA ASP D 139 19.22 -24.73 -8.38
C ASP D 139 20.03 -25.48 -7.33
N VAL D 140 20.82 -24.77 -6.52
CA VAL D 140 21.58 -25.41 -5.45
C VAL D 140 20.94 -25.16 -4.09
N ALA D 141 19.74 -24.56 -4.06
CA ALA D 141 19.05 -24.19 -2.82
C ALA D 141 19.91 -23.28 -1.94
N ALA D 142 20.46 -22.23 -2.54
CA ALA D 142 21.23 -21.26 -1.79
C ALA D 142 20.35 -20.09 -1.34
N ALA D 143 20.67 -19.53 -0.18
CA ALA D 143 20.11 -18.25 0.16
C ALA D 143 20.90 -17.14 -0.54
N ALA D 144 20.37 -15.91 -0.45
CA ALA D 144 20.97 -14.76 -1.11
C ALA D 144 21.21 -13.66 -0.08
N LEU D 145 22.46 -13.28 0.07
CA LEU D 145 22.80 -12.08 0.83
C LEU D 145 22.92 -10.91 -0.14
N VAL D 146 22.35 -9.77 0.23
CA VAL D 146 22.18 -8.67 -0.70
C VAL D 146 23.03 -7.51 -0.21
N VAL D 147 24.05 -7.16 -0.97
CA VAL D 147 24.90 -6.02 -0.66
C VAL D 147 24.34 -4.79 -1.36
N VAL D 148 24.22 -3.69 -0.59
CA VAL D 148 23.54 -2.48 -1.01
C VAL D 148 24.41 -1.28 -0.65
N THR D 149 24.14 -0.16 -1.30
CA THR D 149 24.77 1.12 -0.92
C THR D 149 23.84 1.90 0.00
N ALA D 150 24.39 2.94 0.62
CA ALA D 150 23.60 3.88 1.42
C ALA D 150 23.27 5.16 0.67
N ASP D 151 23.42 5.15 -0.65
CA ASP D 151 23.26 6.33 -1.48
C ASP D 151 21.84 6.44 -2.00
N LEU D 152 21.49 7.65 -2.46
CA LEU D 152 20.21 7.88 -3.12
C LEU D 152 19.91 6.77 -4.11
N GLY D 153 18.72 6.19 -4.00
CA GLY D 153 18.26 5.20 -4.94
C GLY D 153 18.39 3.77 -4.46
N THR D 154 18.99 3.57 -3.29
CA THR D 154 19.24 2.22 -2.80
C THR D 154 17.95 1.56 -2.30
N LEU D 155 17.00 2.35 -1.81
CA LEU D 155 15.73 1.78 -1.38
C LEU D 155 15.01 1.14 -2.57
N ASN D 156 14.82 1.88 -3.65
CA ASN D 156 14.24 1.32 -4.85
C ASN D 156 14.93 0.01 -5.25
N HIS D 157 16.27 0.05 -5.43
CA HIS D 157 17.01 -1.10 -5.93
C HIS D 157 16.98 -2.27 -4.94
N THR D 158 17.04 -2.00 -3.63
CA THR D 158 16.94 -3.08 -2.66
C THR D 158 15.57 -3.74 -2.70
N LYS D 159 14.51 -2.95 -2.92
CA LYS D 159 13.18 -3.51 -3.01
C LYS D 159 13.01 -4.30 -4.30
N LEU D 160 13.50 -3.76 -5.41
CA LEU D 160 13.47 -4.48 -6.67
C LEU D 160 14.20 -5.81 -6.54
N THR D 161 15.34 -5.81 -5.84
CA THR D 161 16.14 -7.03 -5.75
C THR D 161 15.44 -8.07 -4.87
N LEU D 162 15.04 -7.67 -3.66
CA LEU D 162 14.33 -8.58 -2.77
C LEU D 162 13.07 -9.15 -3.42
N GLU D 163 12.35 -8.32 -4.19
CA GLU D 163 11.14 -8.80 -4.83
C GLU D 163 11.44 -9.91 -5.83
N ALA D 164 12.51 -9.74 -6.61
CA ALA D 164 12.92 -10.77 -7.56
C ALA D 164 13.45 -12.00 -6.85
N LEU D 165 14.14 -11.82 -5.72
CA LEU D 165 14.55 -12.98 -4.95
C LEU D 165 13.34 -13.79 -4.52
N ALA D 166 12.34 -13.11 -3.95
CA ALA D 166 11.17 -13.79 -3.40
C ALA D 166 10.33 -14.43 -4.50
N ALA D 167 10.33 -13.87 -5.70
CA ALA D 167 9.51 -14.39 -6.78
C ALA D 167 9.92 -15.80 -7.18
N GLN D 168 11.20 -16.14 -7.04
CA GLN D 168 11.68 -17.49 -7.32
C GLN D 168 11.98 -18.28 -6.05
N GLN D 169 11.44 -17.84 -4.91
CA GLN D 169 11.56 -18.55 -3.62
C GLN D 169 13.00 -18.68 -3.17
N VAL D 170 13.84 -17.70 -3.52
CA VAL D 170 15.20 -17.63 -3.02
C VAL D 170 15.16 -16.90 -1.68
N SER D 171 15.64 -17.55 -0.63
CA SER D 171 15.53 -16.96 0.70
C SER D 171 16.47 -15.77 0.81
N CYS D 172 16.04 -14.77 1.58
CA CYS D 172 16.84 -13.57 1.80
C CYS D 172 17.55 -13.69 3.14
N ALA D 173 18.88 -13.70 3.13
CA ALA D 173 19.68 -13.86 4.33
C ALA D 173 19.98 -12.53 5.04
N GLY D 174 19.58 -11.41 4.45
CA GLY D 174 19.85 -10.12 5.03
C GLY D 174 20.57 -9.21 4.05
N LEU D 175 20.93 -8.05 4.54
CA LEU D 175 21.61 -7.05 3.75
C LEU D 175 22.92 -6.70 4.43
N VAL D 176 23.92 -6.39 3.60
CA VAL D 176 25.13 -5.75 4.05
C VAL D 176 25.28 -4.46 3.26
N ILE D 177 25.54 -3.37 3.97
CA ILE D 177 25.90 -2.11 3.32
C ILE D 177 27.38 -2.17 2.96
N GLY D 178 27.68 -2.11 1.66
CA GLY D 178 29.01 -2.39 1.17
C GLY D 178 30.05 -1.34 1.53
N SER D 179 29.62 -0.12 1.82
CA SER D 179 30.52 0.99 2.14
C SER D 179 29.74 2.02 2.93
N TRP D 180 30.10 2.21 4.22
CA TRP D 180 29.36 3.06 5.14
C TRP D 180 30.18 4.28 5.51
N PRO D 181 29.77 5.49 5.12
CA PRO D 181 30.68 6.62 5.14
C PRO D 181 30.84 7.22 6.53
N ASP D 182 31.93 7.95 6.70
CA ASP D 182 32.24 8.63 7.96
C ASP D 182 32.65 10.07 7.65
N PRO D 183 31.83 11.07 7.99
CA PRO D 183 30.54 10.90 8.67
C PRO D 183 29.44 10.64 7.65
N PRO D 184 28.37 9.95 8.08
CA PRO D 184 27.24 9.73 7.18
C PRO D 184 26.49 11.04 6.92
N GLY D 185 26.42 11.45 5.65
CA GLY D 185 25.64 12.62 5.27
C GLY D 185 24.16 12.42 5.51
N LEU D 186 23.32 13.37 5.08
CA LEU D 186 21.89 13.28 5.40
C LEU D 186 21.25 12.02 4.80
N VAL D 187 21.59 11.74 3.53
CA VAL D 187 20.93 10.68 2.78
C VAL D 187 21.41 9.31 3.25
N ALA D 188 22.70 9.18 3.57
CA ALA D 188 23.23 7.92 4.08
C ALA D 188 22.68 7.59 5.46
N ALA D 189 22.61 8.57 6.35
CA ALA D 189 21.95 8.36 7.65
C ALA D 189 20.51 7.88 7.45
N SER D 190 19.74 8.62 6.64
CA SER D 190 18.33 8.28 6.41
C SER D 190 18.18 6.94 5.70
N ASN D 191 19.06 6.62 4.75
CA ASN D 191 18.91 5.36 4.04
C ASN D 191 19.21 4.19 4.96
N ARG D 192 20.12 4.35 5.93
CA ARG D 192 20.41 3.24 6.84
C ARG D 192 19.28 2.98 7.82
N SER D 193 18.55 4.02 8.24
CA SER D 193 17.29 3.78 8.95
C SER D 193 16.31 2.99 8.08
N ALA D 194 16.04 3.51 6.88
CA ALA D 194 14.99 2.95 6.05
C ALA D 194 15.32 1.55 5.53
N LEU D 195 16.61 1.20 5.43
CA LEU D 195 16.97 -0.16 5.02
C LEU D 195 16.69 -1.16 6.14
N ALA D 196 16.99 -0.79 7.38
CA ALA D 196 16.75 -1.65 8.54
C ALA D 196 15.28 -1.95 8.76
N ARG D 197 14.38 -1.11 8.23
CA ARG D 197 12.96 -1.44 8.24
C ARG D 197 12.57 -2.37 7.10
N ILE D 198 13.36 -2.40 6.02
CA ILE D 198 13.13 -3.36 4.93
C ILE D 198 13.49 -4.78 5.38
N ALA D 199 14.69 -4.96 5.92
CA ALA D 199 15.15 -6.29 6.30
C ALA D 199 16.35 -6.16 7.23
N MET D 200 16.87 -7.31 7.66
CA MET D 200 18.01 -7.35 8.56
C MET D 200 19.26 -6.80 7.88
N VAL D 201 19.91 -5.85 8.54
CA VAL D 201 21.17 -5.27 8.09
C VAL D 201 22.28 -6.01 8.83
N ARG D 202 22.88 -6.99 8.15
CA ARG D 202 23.85 -7.85 8.81
C ARG D 202 25.16 -7.12 9.11
N ALA D 203 25.51 -6.12 8.30
CA ALA D 203 26.77 -5.42 8.53
C ALA D 203 26.73 -4.11 7.75
N ALA D 204 27.56 -3.17 8.22
CA ALA D 204 27.82 -1.90 7.53
C ALA D 204 29.34 -1.72 7.54
N LEU D 205 29.98 -2.14 6.46
CA LEU D 205 31.44 -2.15 6.41
C LEU D 205 31.97 -0.72 6.29
N PRO D 206 33.00 -0.36 7.04
CA PRO D 206 33.56 1.00 6.96
C PRO D 206 34.06 1.32 5.56
N ALA D 207 34.29 2.62 5.34
CA ALA D 207 34.42 3.12 3.97
C ALA D 207 35.65 2.55 3.27
N GLY D 208 36.80 2.54 3.95
CA GLY D 208 38.02 2.08 3.31
C GLY D 208 38.46 0.66 3.64
N ALA D 209 37.50 -0.22 3.93
CA ALA D 209 37.81 -1.58 4.36
C ALA D 209 38.73 -2.32 3.39
N ALA D 210 38.58 -2.09 2.08
CA ALA D 210 39.31 -2.87 1.10
C ALA D 210 40.82 -2.59 1.10
N SER D 211 41.26 -1.48 1.70
CA SER D 211 42.68 -1.16 1.71
C SER D 211 43.36 -1.42 3.05
N LEU D 212 42.60 -1.87 4.06
CA LEU D 212 43.21 -2.33 5.30
C LEU D 212 44.12 -3.52 5.03
N ASP D 213 45.16 -3.65 5.86
CA ASP D 213 45.94 -4.88 5.81
C ASP D 213 45.15 -6.00 6.48
N ALA D 214 45.63 -7.23 6.28
CA ALA D 214 44.86 -8.40 6.71
C ALA D 214 44.50 -8.36 8.20
N GLY D 215 45.44 -7.90 9.04
CA GLY D 215 45.18 -7.90 10.47
C GLY D 215 44.05 -6.94 10.84
N ASP D 216 44.10 -5.73 10.29
CA ASP D 216 43.03 -4.77 10.51
C ASP D 216 41.72 -5.27 9.91
N PHE D 217 41.78 -5.77 8.66
CA PHE D 217 40.58 -6.23 7.99
C PHE D 217 39.88 -7.34 8.76
N ALA D 218 40.64 -8.15 9.49
CA ALA D 218 40.05 -9.23 10.27
C ALA D 218 39.33 -8.69 11.49
N ALA D 219 39.99 -7.82 12.26
CA ALA D 219 39.32 -7.21 13.40
C ALA D 219 38.07 -6.45 12.97
N MET D 220 38.19 -5.69 11.87
CA MET D 220 37.03 -5.02 11.31
C MET D 220 35.93 -6.03 10.98
N SER D 221 36.30 -7.13 10.32
CA SER D 221 35.32 -8.13 9.89
C SER D 221 34.61 -8.76 11.08
N ALA D 222 35.37 -9.14 12.10
CA ALA D 222 34.77 -9.77 13.27
C ALA D 222 34.04 -8.77 14.14
N ALA D 223 34.32 -7.48 13.98
CA ALA D 223 33.51 -6.45 14.62
C ALA D 223 32.27 -6.09 13.83
N ALA D 224 32.30 -6.21 12.50
CA ALA D 224 31.20 -5.70 11.67
C ALA D 224 29.99 -6.63 11.62
N PHE D 225 30.16 -7.91 11.93
CA PHE D 225 29.05 -8.86 11.93
C PHE D 225 28.77 -9.34 13.35
N ASP D 226 27.56 -9.85 13.54
CA ASP D 226 27.18 -10.45 14.82
C ASP D 226 27.74 -11.87 14.88
N ARG D 227 28.64 -12.11 15.84
CA ARG D 227 29.30 -13.41 15.97
C ARG D 227 28.31 -14.55 16.19
N ASN D 228 27.11 -14.24 16.68
CA ASN D 228 26.08 -15.27 16.81
C ASN D 228 25.41 -15.56 15.47
N TRP D 229 25.26 -14.55 14.60
CA TRP D 229 24.69 -14.82 13.30
C TRP D 229 25.65 -15.60 12.41
N VAL D 230 26.93 -15.22 12.44
CA VAL D 230 27.90 -15.90 11.59
C VAL D 230 28.02 -17.36 11.98
N ALA D 231 28.05 -17.64 13.28
CA ALA D 231 28.22 -19.02 13.73
C ALA D 231 27.01 -19.88 13.38
N GLY D 232 25.81 -19.30 13.44
CA GLY D 232 24.60 -20.02 13.13
C GLY D 232 24.43 -20.37 11.68
N LEU D 233 25.30 -19.86 10.81
CA LEU D 233 25.21 -20.21 9.39
C LEU D 233 25.65 -21.64 9.14
N VAL D 234 26.53 -22.18 9.99
CA VAL D 234 26.99 -23.58 10.02
C VAL D 234 27.13 -24.19 8.64
#